data_7RS9
#
_entry.id   7RS9
#
_cell.length_a   53.573
_cell.length_b   58.812
_cell.length_c   92.857
_cell.angle_alpha   86.700
_cell.angle_beta   75.090
_cell.angle_gamma   62.910
#
_symmetry.space_group_name_H-M   'P 1'
#
loop_
_entity.id
_entity.type
_entity.pdbx_description
1 polymer 'Estrogen receptor'
2 non-polymer (1S,2R,4S)-N-[4-(benzyloxy)phenyl]-5,6-bis(4-hydroxyphenyl)-N-(2,2,2-trifluoroethyl)-7-oxabicyclo[2.2.1]hept-5-ene-2-sulfonamide
3 water water
#
_entity_poly.entity_id   1
_entity_poly.type   'polypeptide(L)'
_entity_poly.pdbx_seq_one_letter_code
;IKRSKKNSLALSLTADQMVSALLDAEPPILYSEYDPTRPFSEASMMGLLTNLADRELVHMINWAKRVPGFVDLTSHDQVH
LLE(YCM)AWLEILMIGLVWRSMEHPGKLLFAPNLLLDRNQGKCVEGMVEIFDMLLATSSRFRMMNLQGEEFVCLKSIIL
LNSGVYTFLSSTLKSLEEKDHIHRVLDKITDTLIHLMAKAGLTLQQQHQRLAQLLLILSHIRHMSNKGMEHLYSMK
(YCM)KNVVPSYDLLLEMLDAHRLHAPTS
;
_entity_poly.pdbx_strand_id   A,B,C,D
#
loop_
_chem_comp.id
_chem_comp.type
_chem_comp.name
_chem_comp.formula
7OI non-polymer (1S,2R,4S)-N-[4-(benzyloxy)phenyl]-5,6-bis(4-hydroxyphenyl)-N-(2,2,2-trifluoroethyl)-7-oxabicyclo[2.2.1]hept-5-ene-2-sulfonamide 'C33 H28 F3 N O6 S'
#
# COMPACT_ATOMS: atom_id res chain seq x y z
N ASN A 7 -1.29 -53.64 -8.54
CA ASN A 7 -0.66 -52.28 -8.64
C ASN A 7 -1.01 -51.37 -7.43
N SER A 8 -2.06 -50.56 -7.58
CA SER A 8 -2.39 -49.48 -6.65
C SER A 8 -3.79 -48.92 -6.86
N LEU A 9 -4.47 -48.64 -5.73
CA LEU A 9 -5.81 -48.06 -5.71
C LEU A 9 -5.81 -46.54 -5.46
N ALA A 10 -4.62 -45.94 -5.34
CA ALA A 10 -4.46 -44.52 -5.07
C ALA A 10 -5.15 -43.63 -6.13
N LEU A 11 -4.98 -44.00 -7.41
CA LEU A 11 -5.53 -43.24 -8.51
C LEU A 11 -7.04 -43.41 -8.70
N SER A 12 -7.62 -44.40 -8.01
CA SER A 12 -9.06 -44.61 -7.99
C SER A 12 -9.83 -43.85 -6.88
N LEU A 13 -9.11 -43.17 -5.97
CA LEU A 13 -9.79 -42.34 -4.96
C LEU A 13 -10.62 -41.19 -5.59
N THR A 14 -11.80 -40.92 -5.02
CA THR A 14 -12.55 -39.71 -5.36
C THR A 14 -11.87 -38.49 -4.74
N ALA A 15 -12.29 -37.30 -5.15
CA ALA A 15 -11.82 -36.02 -4.54
C ALA A 15 -12.07 -36.02 -3.02
N ASP A 16 -13.28 -36.40 -2.60
CA ASP A 16 -13.64 -36.46 -1.18
C ASP A 16 -12.81 -37.44 -0.35
N GLN A 17 -12.49 -38.61 -0.92
CA GLN A 17 -11.63 -39.60 -0.26
C GLN A 17 -10.18 -39.14 -0.15
N MET A 18 -9.70 -38.43 -1.17
CA MET A 18 -8.35 -37.88 -1.17
C MET A 18 -8.22 -36.87 -0.05
N VAL A 19 -9.15 -35.92 0.03
CA VAL A 19 -9.19 -34.94 1.12
C VAL A 19 -9.24 -35.63 2.49
N SER A 20 -10.15 -36.60 2.66
CA SER A 20 -10.27 -37.35 3.92
C SER A 20 -8.96 -38.02 4.30
N ALA A 21 -8.33 -38.68 3.31
CA ALA A 21 -7.04 -39.34 3.49
C ALA A 21 -5.97 -38.32 3.99
N LEU A 22 -5.87 -37.18 3.30
CA LEU A 22 -4.87 -36.17 3.64
C LEU A 22 -5.12 -35.56 5.02
N LEU A 23 -6.39 -35.23 5.31
CA LEU A 23 -6.77 -34.70 6.61
C LEU A 23 -6.39 -35.69 7.73
N ASP A 24 -6.78 -36.96 7.55
CA ASP A 24 -6.49 -38.03 8.51
C ASP A 24 -4.98 -38.25 8.76
N ALA A 25 -4.17 -38.01 7.72
CA ALA A 25 -2.71 -38.21 7.76
C ALA A 25 -1.90 -37.10 8.41
N GLU A 26 -2.56 -35.97 8.74
CA GLU A 26 -1.87 -34.77 9.22
C GLU A 26 -1.04 -35.08 10.47
N PRO A 27 0.24 -34.66 10.54
CA PRO A 27 1.09 -34.91 11.71
C PRO A 27 0.70 -34.10 12.95
N PRO A 28 1.19 -34.43 14.16
CA PRO A 28 0.92 -33.60 15.33
C PRO A 28 1.72 -32.31 15.32
N ILE A 29 1.28 -31.32 16.10
CA ILE A 29 2.04 -30.14 16.40
C ILE A 29 2.91 -30.48 17.62
N LEU A 30 4.23 -30.34 17.46
CA LEU A 30 5.17 -30.60 18.52
C LEU A 30 5.50 -29.34 19.32
N TYR A 31 6.04 -29.55 20.52
CA TYR A 31 6.49 -28.44 21.36
C TYR A 31 7.99 -28.33 21.23
N SER A 32 8.49 -27.12 21.46
CA SER A 32 9.91 -26.85 21.54
C SER A 32 10.37 -27.32 22.93
N GLU A 33 11.67 -27.59 23.09
CA GLU A 33 12.28 -27.81 24.41
C GLU A 33 11.74 -26.80 25.44
N TYR A 34 11.40 -27.27 26.64
CA TYR A 34 10.65 -26.47 27.59
C TYR A 34 11.64 -25.51 28.24
N ASP A 35 11.17 -24.32 28.62
CA ASP A 35 11.96 -23.25 29.28
C ASP A 35 13.45 -23.23 28.90
N PRO A 36 13.80 -22.81 27.67
CA PRO A 36 15.20 -22.63 27.30
C PRO A 36 15.68 -21.34 27.95
N THR A 37 17.00 -21.22 28.17
CA THR A 37 17.63 -19.96 28.57
C THR A 37 17.22 -18.89 27.53
N ARG A 38 16.42 -17.93 27.97
CA ARG A 38 16.07 -16.79 27.16
C ARG A 38 17.02 -15.73 27.70
N PRO A 39 17.15 -14.55 27.06
CA PRO A 39 17.69 -14.40 25.69
C PRO A 39 18.41 -15.60 25.05
N PHE A 40 18.19 -15.78 23.73
CA PHE A 40 18.90 -16.76 22.90
C PHE A 40 20.24 -16.19 22.43
N SER A 41 21.24 -17.13 22.32
CA SER A 41 22.44 -16.94 21.51
C SER A 41 22.15 -17.56 20.13
N GLU A 42 23.05 -17.33 19.18
CA GLU A 42 22.96 -17.94 17.85
C GLU A 42 22.99 -19.46 17.92
N ALA A 43 23.92 -19.98 18.70
CA ALA A 43 24.03 -21.42 18.93
C ALA A 43 22.76 -22.03 19.56
N SER A 44 22.23 -21.38 20.62
CA SER A 44 21.11 -21.97 21.36
C SER A 44 19.81 -21.88 20.60
N MET A 45 19.60 -20.82 19.83
CA MET A 45 18.48 -20.72 18.91
C MET A 45 18.55 -21.85 17.88
N MET A 46 19.73 -22.02 17.26
CA MET A 46 19.93 -23.05 16.25
C MET A 46 19.74 -24.44 16.85
N GLY A 47 20.16 -24.60 18.11
CA GLY A 47 19.93 -25.79 18.92
C GLY A 47 18.47 -26.17 19.06
N LEU A 48 17.65 -25.22 19.53
CA LEU A 48 16.21 -25.42 19.65
C LEU A 48 15.52 -25.76 18.34
N LEU A 49 15.85 -25.02 17.27
CA LEU A 49 15.19 -25.23 15.98
C LEU A 49 15.56 -26.58 15.40
N THR A 50 16.85 -26.92 15.53
CA THR A 50 17.39 -28.21 15.05
C THR A 50 16.73 -29.39 15.77
N ASN A 51 16.67 -29.29 17.10
CA ASN A 51 15.99 -30.28 17.92
C ASN A 51 14.56 -30.47 17.51
N LEU A 52 13.85 -29.35 17.27
CA LEU A 52 12.47 -29.39 16.84
C LEU A 52 12.31 -30.04 15.46
N ALA A 53 13.10 -29.56 14.50
CA ALA A 53 13.06 -30.11 13.12
C ALA A 53 13.32 -31.61 13.12
N ASP A 54 14.31 -32.05 13.92
CA ASP A 54 14.65 -33.48 14.01
C ASP A 54 13.48 -34.36 14.50
N ARG A 55 12.74 -33.86 15.49
CA ARG A 55 11.57 -34.56 16.00
C ARG A 55 10.41 -34.53 15.00
N GLU A 56 10.24 -33.38 14.35
CA GLU A 56 9.26 -33.24 13.29
C GLU A 56 9.49 -34.19 12.13
N LEU A 57 10.77 -34.42 11.80
CA LEU A 57 11.09 -35.27 10.66
C LEU A 57 10.49 -36.67 10.76
N VAL A 58 10.53 -37.25 11.97
CA VAL A 58 10.00 -38.60 12.19
C VAL A 58 8.52 -38.64 11.80
N HIS A 59 7.77 -37.63 12.27
CA HIS A 59 6.35 -37.59 12.02
C HIS A 59 6.07 -37.25 10.53
N MET A 60 6.96 -36.48 9.88
CA MET A 60 6.78 -36.17 8.45
C MET A 60 6.84 -37.43 7.59
N ILE A 61 7.77 -38.32 7.93
CA ILE A 61 7.93 -39.58 7.25
C ILE A 61 6.67 -40.44 7.38
N ASN A 62 6.04 -40.45 8.57
CA ASN A 62 4.80 -41.21 8.81
C ASN A 62 3.64 -40.64 7.98
N TRP A 63 3.61 -39.30 7.97
CA TRP A 63 2.69 -38.56 7.14
C TRP A 63 2.87 -38.91 5.66
N ALA A 64 4.12 -38.81 5.17
CA ALA A 64 4.43 -39.10 3.76
C ALA A 64 3.92 -40.47 3.30
N LYS A 65 4.11 -41.51 4.14
CA LYS A 65 3.66 -42.88 3.89
C LYS A 65 2.16 -43.00 3.69
N ARG A 66 1.41 -42.05 4.23
CA ARG A 66 -0.03 -41.98 4.09
C ARG A 66 -0.52 -41.05 2.98
N VAL A 67 0.38 -40.38 2.27
CA VAL A 67 -0.04 -39.58 1.11
C VAL A 67 -0.35 -40.59 0.00
N PRO A 68 -1.61 -40.63 -0.52
CA PRO A 68 -1.97 -41.65 -1.51
C PRO A 68 -1.02 -41.66 -2.73
N GLY A 69 -0.52 -42.84 -3.08
CA GLY A 69 0.44 -42.99 -4.17
C GLY A 69 1.90 -43.02 -3.79
N PHE A 70 2.25 -42.39 -2.65
CA PHE A 70 3.64 -42.26 -2.20
C PHE A 70 4.34 -43.61 -2.01
N VAL A 71 3.68 -44.55 -1.30
CA VAL A 71 4.24 -45.87 -1.09
C VAL A 71 4.21 -46.82 -2.27
N ASP A 72 3.57 -46.43 -3.38
CA ASP A 72 3.64 -47.20 -4.64
C ASP A 72 4.99 -47.04 -5.31
N LEU A 73 5.75 -46.03 -4.89
CA LEU A 73 7.08 -45.77 -5.40
C LEU A 73 8.09 -46.68 -4.73
N THR A 74 9.20 -46.95 -5.42
CA THR A 74 10.33 -47.62 -4.78
C THR A 74 10.78 -46.83 -3.57
N SER A 75 11.41 -47.51 -2.61
CA SER A 75 12.00 -46.86 -1.43
C SER A 75 13.00 -45.77 -1.81
N HIS A 76 13.84 -46.04 -2.79
CA HIS A 76 14.78 -45.06 -3.31
C HIS A 76 14.12 -43.74 -3.77
N ASP A 77 13.03 -43.85 -4.54
CA ASP A 77 12.28 -42.70 -5.02
C ASP A 77 11.55 -42.02 -3.87
N GLN A 78 11.06 -42.78 -2.89
CA GLN A 78 10.48 -42.17 -1.70
C GLN A 78 11.47 -41.26 -0.95
N VAL A 79 12.69 -41.77 -0.76
CA VAL A 79 13.73 -41.01 -0.09
C VAL A 79 14.16 -39.79 -0.90
N HIS A 80 14.30 -39.93 -2.22
CA HIS A 80 14.69 -38.82 -3.10
C HIS A 80 13.69 -37.67 -2.99
N LEU A 81 12.39 -37.99 -2.99
CA LEU A 81 11.32 -37.02 -2.82
C LEU A 81 11.40 -36.34 -1.46
N LEU A 82 11.62 -37.11 -0.40
CA LEU A 82 11.72 -36.55 0.91
C LEU A 82 12.97 -35.68 1.06
N GLU A 83 14.10 -36.14 0.51
CA GLU A 83 15.33 -35.33 0.46
C GLU A 83 15.13 -33.96 -0.18
N YCM A 84 14.39 -33.92 -1.29
CA YCM A 84 14.15 -32.68 -2.01
CB YCM A 84 13.71 -33.01 -3.43
SG YCM A 84 15.00 -33.81 -4.41
CD YCM A 84 16.06 -32.41 -4.92
CE YCM A 84 15.36 -31.47 -5.93
OZ1 YCM A 84 14.77 -30.49 -5.52
NZ2 YCM A 84 15.47 -31.78 -7.20
C YCM A 84 13.11 -31.79 -1.33
O YCM A 84 13.12 -30.59 -1.53
N ALA A 85 12.19 -32.36 -0.56
CA ALA A 85 11.04 -31.61 -0.05
C ALA A 85 11.07 -31.25 1.42
N TRP A 86 11.92 -31.89 2.21
CA TRP A 86 11.78 -31.87 3.68
C TRP A 86 11.73 -30.45 4.25
N LEU A 87 12.64 -29.57 3.81
CA LEU A 87 12.67 -28.21 4.34
C LEU A 87 11.43 -27.38 3.88
N GLU A 88 11.02 -27.54 2.62
CA GLU A 88 9.81 -26.88 2.12
C GLU A 88 8.58 -27.32 2.94
N ILE A 89 8.49 -28.62 3.23
CA ILE A 89 7.42 -29.19 4.05
C ILE A 89 7.42 -28.57 5.48
N LEU A 90 8.58 -28.53 6.13
CA LEU A 90 8.67 -27.92 7.47
C LEU A 90 8.21 -26.45 7.38
N MET A 91 8.70 -25.73 6.35
CA MET A 91 8.39 -24.33 6.15
C MET A 91 6.92 -24.01 5.92
N ILE A 92 6.26 -24.80 5.05
CA ILE A 92 4.85 -24.57 4.80
C ILE A 92 4.01 -24.86 6.06
N GLY A 93 4.40 -25.86 6.84
CA GLY A 93 3.79 -26.13 8.14
C GLY A 93 3.93 -24.93 9.08
N LEU A 94 5.15 -24.37 9.13
CA LEU A 94 5.41 -23.19 9.94
C LEU A 94 4.51 -22.02 9.54
N VAL A 95 4.40 -21.77 8.22
CA VAL A 95 3.61 -20.68 7.67
C VAL A 95 2.13 -20.83 8.02
N TRP A 96 1.59 -22.04 7.83
CA TRP A 96 0.23 -22.40 8.23
C TRP A 96 -0.05 -22.16 9.71
N ARG A 97 0.83 -22.64 10.60
CA ARG A 97 0.72 -22.45 12.05
C ARG A 97 0.74 -20.97 12.43
N SER A 98 1.48 -20.17 11.66
CA SER A 98 1.72 -18.78 12.00
C SER A 98 0.65 -17.83 11.42
N MET A 99 -0.24 -18.36 10.58
CA MET A 99 -1.19 -17.57 9.78
C MET A 99 -1.99 -16.59 10.63
N GLU A 100 -2.52 -17.08 11.76
N GLU A 100 -2.53 -17.07 11.76
CA GLU A 100 -3.32 -16.30 12.71
CA GLU A 100 -3.32 -16.22 12.67
C GLU A 100 -2.50 -15.50 13.73
C GLU A 100 -2.50 -15.50 13.74
N HIS A 101 -1.19 -15.35 13.50
CA HIS A 101 -0.28 -14.58 14.37
C HIS A 101 0.54 -13.60 13.53
N PRO A 102 -0.09 -12.52 12.99
CA PRO A 102 0.63 -11.62 12.09
C PRO A 102 1.85 -11.00 12.76
N GLY A 103 2.98 -10.96 12.04
CA GLY A 103 4.24 -10.49 12.58
C GLY A 103 5.11 -11.54 13.29
N LYS A 104 4.56 -12.74 13.50
CA LYS A 104 5.21 -13.76 14.33
C LYS A 104 5.25 -15.12 13.64
N LEU A 105 6.30 -15.89 13.96
CA LEU A 105 6.45 -17.28 13.48
C LEU A 105 6.27 -18.23 14.67
N LEU A 106 5.21 -19.04 14.59
CA LEU A 106 4.84 -20.03 15.61
C LEU A 106 5.57 -21.33 15.28
N PHE A 107 6.84 -21.38 15.67
CA PHE A 107 7.65 -22.62 15.48
C PHE A 107 7.01 -23.76 16.24
N ALA A 108 6.55 -23.44 17.45
CA ALA A 108 5.77 -24.35 18.29
C ALA A 108 4.85 -23.53 19.18
N PRO A 109 3.81 -24.13 19.79
CA PRO A 109 2.91 -23.39 20.67
C PRO A 109 3.62 -22.64 21.80
N ASN A 110 4.80 -23.12 22.20
CA ASN A 110 5.63 -22.52 23.25
C ASN A 110 6.88 -21.83 22.68
N LEU A 111 6.90 -21.55 21.38
CA LEU A 111 8.02 -20.90 20.72
C LEU A 111 7.50 -20.03 19.58
N LEU A 112 7.01 -18.84 19.96
CA LEU A 112 6.46 -17.87 19.06
C LEU A 112 7.45 -16.72 18.98
N LEU A 113 8.00 -16.47 17.78
CA LEU A 113 9.10 -15.53 17.58
C LEU A 113 8.68 -14.39 16.65
N ASP A 114 8.96 -13.14 17.06
CA ASP A 114 8.74 -11.97 16.21
C ASP A 114 10.01 -11.67 15.42
N ARG A 115 9.87 -10.80 14.41
CA ARG A 115 10.95 -10.50 13.47
C ARG A 115 12.32 -10.10 14.11
N ASN A 116 12.26 -9.36 15.22
CA ASN A 116 13.46 -8.90 15.89
C ASN A 116 14.35 -10.04 16.44
N GLN A 117 13.71 -11.15 16.84
CA GLN A 117 14.42 -12.31 17.38
C GLN A 117 15.11 -13.17 16.33
N GLY A 118 14.75 -12.98 15.05
CA GLY A 118 15.46 -13.56 13.92
C GLY A 118 16.90 -13.05 13.80
N LYS A 119 17.13 -11.80 14.24
CA LYS A 119 18.46 -11.15 14.24
C LYS A 119 19.52 -11.87 15.10
N CYS A 120 19.08 -12.63 16.10
CA CYS A 120 19.97 -13.35 17.01
C CYS A 120 20.79 -14.46 16.35
N VAL A 121 20.59 -14.64 15.03
CA VAL A 121 21.41 -15.50 14.18
C VAL A 121 21.70 -14.79 12.84
N GLU A 122 22.97 -14.79 12.42
CA GLU A 122 23.39 -14.19 11.13
C GLU A 122 22.62 -14.67 9.89
N GLY A 123 22.06 -13.70 9.14
CA GLY A 123 21.39 -13.95 7.88
C GLY A 123 20.01 -14.60 8.02
N MET A 124 19.53 -14.66 9.26
CA MET A 124 18.32 -15.36 9.60
C MET A 124 17.12 -14.50 9.27
N VAL A 125 17.26 -13.18 9.41
CA VAL A 125 16.13 -12.25 9.39
C VAL A 125 15.47 -12.18 8.01
N GLU A 126 16.27 -12.35 6.95
CA GLU A 126 15.77 -12.30 5.58
C GLU A 126 14.82 -13.48 5.27
N ILE A 127 15.15 -14.67 5.79
CA ILE A 127 14.28 -15.84 5.67
C ILE A 127 13.06 -15.68 6.54
N PHE A 128 13.24 -15.14 7.75
CA PHE A 128 12.15 -14.79 8.66
C PHE A 128 11.11 -13.95 7.93
N ASP A 129 11.61 -12.90 7.27
CA ASP A 129 10.80 -11.94 6.53
C ASP A 129 10.02 -12.58 5.38
N MET A 130 10.69 -13.49 4.66
CA MET A 130 10.06 -14.23 3.57
C MET A 130 8.95 -15.16 4.09
N LEU A 131 9.19 -15.80 5.25
CA LEU A 131 8.22 -16.70 5.87
C LEU A 131 7.00 -15.91 6.31
N LEU A 132 7.23 -14.73 6.89
CA LEU A 132 6.16 -13.83 7.34
C LEU A 132 5.32 -13.32 6.16
N ALA A 133 5.98 -12.97 5.05
CA ALA A 133 5.28 -12.52 3.84
C ALA A 133 4.37 -13.62 3.32
N THR A 134 4.83 -14.87 3.41
CA THR A 134 4.02 -16.01 2.98
C THR A 134 2.79 -16.26 3.84
N SER A 135 2.95 -16.15 5.17
CA SER A 135 1.82 -16.22 6.10
C SER A 135 0.75 -15.17 5.78
N SER A 136 1.19 -13.93 5.53
CA SER A 136 0.32 -12.83 5.09
C SER A 136 -0.42 -13.12 3.82
N ARG A 137 0.29 -13.68 2.85
CA ARG A 137 -0.33 -14.09 1.59
C ARG A 137 -1.40 -15.18 1.86
N PHE A 138 -1.08 -16.19 2.69
CA PHE A 138 -2.04 -17.24 3.05
C PHE A 138 -3.27 -16.63 3.72
N ARG A 139 -3.03 -15.66 4.61
CA ARG A 139 -4.07 -14.98 5.36
C ARG A 139 -4.98 -14.17 4.40
N MET A 140 -4.36 -13.34 3.54
CA MET A 140 -5.05 -12.56 2.54
C MET A 140 -5.93 -13.41 1.60
N MET A 141 -5.42 -14.58 1.20
CA MET A 141 -6.19 -15.53 0.39
C MET A 141 -7.22 -16.39 1.15
N ASN A 142 -7.23 -16.30 2.48
CA ASN A 142 -8.07 -17.12 3.33
C ASN A 142 -7.87 -18.59 3.04
N LEU A 143 -6.61 -19.03 3.09
CA LEU A 143 -6.26 -20.40 2.75
C LEU A 143 -6.98 -21.31 3.73
N GLN A 144 -7.67 -22.33 3.20
CA GLN A 144 -8.41 -23.30 4.01
C GLN A 144 -7.52 -24.53 4.32
N GLY A 145 -7.80 -25.18 5.45
CA GLY A 145 -7.08 -26.39 5.87
C GLY A 145 -7.04 -27.49 4.83
N GLU A 146 -8.18 -27.71 4.13
CA GLU A 146 -8.28 -28.73 3.10
C GLU A 146 -7.37 -28.41 1.88
N GLU A 147 -7.25 -27.11 1.56
CA GLU A 147 -6.32 -26.63 0.52
C GLU A 147 -4.85 -26.80 0.93
N PHE A 148 -4.56 -26.43 2.18
CA PHE A 148 -3.23 -26.57 2.78
C PHE A 148 -2.69 -28.00 2.67
N VAL A 149 -3.49 -29.01 3.08
CA VAL A 149 -3.03 -30.40 3.05
C VAL A 149 -2.75 -30.85 1.60
N CYS A 150 -3.57 -30.35 0.66
CA CYS A 150 -3.34 -30.58 -0.77
C CYS A 150 -2.03 -29.98 -1.24
N LEU A 151 -1.76 -28.73 -0.86
CA LEU A 151 -0.51 -28.06 -1.19
C LEU A 151 0.73 -28.78 -0.65
N LYS A 152 0.62 -29.24 0.61
CA LYS A 152 1.74 -29.86 1.29
C LYS A 152 2.09 -31.16 0.57
N SER A 153 1.06 -31.90 0.15
CA SER A 153 1.23 -33.13 -0.67
C SER A 153 1.81 -32.90 -2.06
N ILE A 154 1.41 -31.80 -2.71
CA ILE A 154 2.00 -31.40 -3.98
C ILE A 154 3.52 -31.16 -3.86
N ILE A 155 3.93 -30.45 -2.80
CA ILE A 155 5.35 -30.20 -2.52
C ILE A 155 6.13 -31.51 -2.40
N LEU A 156 5.58 -32.47 -1.65
CA LEU A 156 6.20 -33.77 -1.45
C LEU A 156 6.45 -34.50 -2.79
N LEU A 157 5.43 -34.51 -3.66
CA LEU A 157 5.48 -35.29 -4.89
C LEU A 157 6.16 -34.51 -6.00
N ASN A 158 6.04 -33.18 -5.99
CA ASN A 158 6.56 -32.34 -7.07
C ASN A 158 8.03 -31.99 -6.95
N SER A 159 8.49 -31.74 -5.73
CA SER A 159 9.78 -31.11 -5.52
C SER A 159 10.93 -31.91 -6.11
N GLY A 160 10.84 -33.24 -6.07
CA GLY A 160 11.93 -34.11 -6.51
C GLY A 160 11.69 -34.85 -7.80
N VAL A 161 10.49 -34.68 -8.40
CA VAL A 161 10.08 -35.48 -9.53
C VAL A 161 10.93 -35.22 -10.80
N TYR A 162 11.43 -33.98 -10.97
CA TYR A 162 12.16 -33.56 -12.18
C TYR A 162 13.65 -33.91 -12.13
N THR A 163 14.10 -34.45 -10.98
CA THR A 163 15.49 -34.85 -10.76
C THR A 163 15.66 -36.37 -10.49
N PHE A 164 14.73 -37.18 -11.01
CA PHE A 164 14.94 -38.57 -11.33
C PHE A 164 15.36 -38.45 -12.81
N LEU A 165 16.64 -38.12 -13.06
CA LEU A 165 17.18 -38.01 -14.43
C LEU A 165 17.28 -39.36 -15.16
N SER A 166 17.00 -40.45 -14.44
CA SER A 166 17.02 -41.82 -14.92
C SER A 166 16.22 -42.02 -16.20
N SER A 167 16.72 -42.93 -17.06
CA SER A 167 16.10 -43.30 -18.32
C SER A 167 15.09 -44.39 -17.95
N THR A 168 15.13 -45.53 -18.66
CA THR A 168 14.55 -46.82 -18.24
C THR A 168 13.04 -46.84 -17.95
N LEU A 169 12.43 -47.98 -18.28
CA LEU A 169 10.98 -48.18 -18.20
C LEU A 169 10.46 -47.90 -16.78
N LYS A 170 11.15 -48.43 -15.77
CA LYS A 170 10.73 -48.31 -14.37
C LYS A 170 10.67 -46.84 -13.96
N SER A 171 11.73 -46.09 -14.29
CA SER A 171 11.82 -44.67 -14.00
C SER A 171 10.70 -43.86 -14.67
N LEU A 172 10.41 -44.18 -15.94
CA LEU A 172 9.32 -43.54 -16.68
C LEU A 172 7.95 -43.83 -16.05
N GLU A 173 7.74 -45.09 -15.64
CA GLU A 173 6.57 -45.54 -14.88
C GLU A 173 6.41 -44.81 -13.54
N GLU A 174 7.51 -44.67 -12.79
CA GLU A 174 7.52 -43.90 -11.53
C GLU A 174 7.11 -42.41 -11.73
N LYS A 175 7.80 -41.73 -12.67
CA LYS A 175 7.48 -40.35 -13.00
C LYS A 175 6.03 -40.19 -13.48
N ASP A 176 5.56 -41.11 -14.31
CA ASP A 176 4.17 -41.08 -14.80
C ASP A 176 3.19 -41.19 -13.65
N HIS A 177 3.43 -42.12 -12.73
CA HIS A 177 2.58 -42.31 -11.54
C HIS A 177 2.51 -41.04 -10.66
N ILE A 178 3.66 -40.42 -10.40
CA ILE A 178 3.71 -39.18 -9.67
C ILE A 178 2.87 -38.10 -10.34
N HIS A 179 3.01 -37.96 -11.66
CA HIS A 179 2.24 -36.95 -12.41
C HIS A 179 0.75 -37.21 -12.36
N ARG A 180 0.36 -38.49 -12.44
CA ARG A 180 -1.03 -38.89 -12.27
C ARG A 180 -1.60 -38.58 -10.87
N VAL A 181 -0.82 -38.83 -9.81
CA VAL A 181 -1.29 -38.50 -8.47
C VAL A 181 -1.38 -36.99 -8.29
N LEU A 182 -0.40 -36.26 -8.85
CA LEU A 182 -0.42 -34.79 -8.85
C LEU A 182 -1.67 -34.25 -9.58
N ASP A 183 -2.05 -34.87 -10.72
CA ASP A 183 -3.31 -34.55 -11.41
C ASP A 183 -4.53 -34.80 -10.53
N LYS A 184 -4.50 -35.91 -9.77
CA LYS A 184 -5.56 -36.22 -8.82
C LYS A 184 -5.67 -35.15 -7.72
N ILE A 185 -4.53 -34.67 -7.23
CA ILE A 185 -4.56 -33.59 -6.20
C ILE A 185 -5.08 -32.25 -6.79
N THR A 186 -4.69 -31.93 -8.03
CA THR A 186 -5.30 -30.80 -8.75
C THR A 186 -6.83 -30.90 -8.84
N ASP A 187 -7.34 -32.04 -9.34
CA ASP A 187 -8.78 -32.32 -9.37
C ASP A 187 -9.41 -32.09 -8.00
N THR A 188 -8.74 -32.55 -6.94
CA THR A 188 -9.21 -32.42 -5.56
C THR A 188 -9.32 -30.96 -5.14
N LEU A 189 -8.27 -30.18 -5.41
CA LEU A 189 -8.30 -28.73 -5.15
C LEU A 189 -9.44 -28.03 -5.87
N ILE A 190 -9.62 -28.33 -7.16
CA ILE A 190 -10.70 -27.78 -7.95
C ILE A 190 -12.08 -28.19 -7.39
N HIS A 191 -12.23 -29.47 -7.03
CA HIS A 191 -13.47 -29.94 -6.40
C HIS A 191 -13.83 -29.10 -5.16
N LEU A 192 -12.86 -28.94 -4.24
CA LEU A 192 -13.02 -28.13 -3.03
C LEU A 192 -13.50 -26.69 -3.35
N MET A 193 -12.89 -26.08 -4.37
CA MET A 193 -13.23 -24.73 -4.81
C MET A 193 -14.64 -24.66 -5.39
N ALA A 194 -14.99 -25.60 -6.28
CA ALA A 194 -16.33 -25.66 -6.84
C ALA A 194 -17.38 -25.89 -5.74
N LYS A 195 -17.08 -26.80 -4.80
CA LYS A 195 -17.95 -27.08 -3.65
C LYS A 195 -18.20 -25.80 -2.87
N ALA A 196 -17.15 -24.98 -2.69
CA ALA A 196 -17.23 -23.72 -1.98
C ALA A 196 -17.95 -22.60 -2.75
N GLY A 197 -18.32 -22.87 -4.01
CA GLY A 197 -19.14 -21.98 -4.80
C GLY A 197 -18.39 -21.05 -5.75
N LEU A 198 -17.09 -21.30 -5.97
CA LEU A 198 -16.30 -20.47 -6.88
C LEU A 198 -16.76 -20.72 -8.33
N THR A 199 -16.83 -19.67 -9.13
CA THR A 199 -17.07 -19.81 -10.58
C THR A 199 -15.89 -20.54 -11.20
N LEU A 200 -16.04 -21.01 -12.44
CA LEU A 200 -14.96 -21.70 -13.14
C LEU A 200 -13.73 -20.79 -13.23
N GLN A 201 -13.95 -19.51 -13.56
CA GLN A 201 -12.85 -18.55 -13.68
C GLN A 201 -12.13 -18.38 -12.37
N GLN A 202 -12.88 -18.24 -11.27
CA GLN A 202 -12.31 -18.07 -9.92
C GLN A 202 -11.53 -19.32 -9.47
N GLN A 203 -12.03 -20.49 -9.86
CA GLN A 203 -11.39 -21.75 -9.54
C GLN A 203 -9.99 -21.80 -10.16
N HIS A 204 -9.88 -21.44 -11.44
CA HIS A 204 -8.60 -21.55 -12.14
C HIS A 204 -7.62 -20.51 -11.60
N GLN A 205 -8.12 -19.30 -11.30
CA GLN A 205 -7.30 -18.23 -10.80
C GLN A 205 -6.75 -18.52 -9.42
N ARG A 206 -7.58 -19.10 -8.54
CA ARG A 206 -7.15 -19.47 -7.18
C ARG A 206 -6.18 -20.62 -7.18
N LEU A 207 -6.44 -21.62 -8.02
CA LEU A 207 -5.49 -22.71 -8.22
C LEU A 207 -4.12 -22.16 -8.62
N ALA A 208 -4.08 -21.28 -9.62
CA ALA A 208 -2.83 -20.67 -10.06
C ALA A 208 -2.12 -19.87 -8.93
N GLN A 209 -2.89 -19.10 -8.15
CA GLN A 209 -2.34 -18.31 -7.08
C GLN A 209 -1.69 -19.25 -6.03
N LEU A 210 -2.34 -20.36 -5.71
CA LEU A 210 -1.81 -21.31 -4.74
C LEU A 210 -0.53 -21.99 -5.24
N LEU A 211 -0.53 -22.44 -6.50
CA LEU A 211 0.64 -23.12 -7.03
C LEU A 211 1.86 -22.16 -7.23
N LEU A 212 1.61 -20.90 -7.58
CA LEU A 212 2.67 -19.91 -7.67
C LEU A 212 3.36 -19.58 -6.34
N ILE A 213 2.63 -19.67 -5.23
CA ILE A 213 3.23 -19.51 -3.92
C ILE A 213 4.25 -20.63 -3.64
N LEU A 214 4.01 -21.83 -4.19
CA LEU A 214 4.94 -22.95 -4.05
C LEU A 214 6.31 -22.61 -4.58
N SER A 215 6.35 -21.79 -5.62
CA SER A 215 7.61 -21.35 -6.17
C SER A 215 8.39 -20.49 -5.19
N HIS A 216 7.69 -19.64 -4.42
CA HIS A 216 8.30 -18.87 -3.34
C HIS A 216 8.77 -19.75 -2.17
N ILE A 217 8.00 -20.79 -1.81
CA ILE A 217 8.40 -21.74 -0.76
C ILE A 217 9.69 -22.49 -1.17
N ARG A 218 9.81 -22.83 -2.46
CA ARG A 218 11.04 -23.44 -2.98
C ARG A 218 12.21 -22.49 -2.77
N HIS A 219 12.01 -21.22 -3.12
CA HIS A 219 13.04 -20.20 -3.02
C HIS A 219 13.51 -20.07 -1.56
N MET A 220 12.57 -19.92 -0.64
CA MET A 220 12.84 -19.89 0.80
C MET A 220 13.62 -21.13 1.30
N SER A 221 13.22 -22.34 0.83
CA SER A 221 13.95 -23.58 1.13
C SER A 221 15.39 -23.53 0.67
N ASN A 222 15.60 -23.04 -0.56
CA ASN A 222 16.94 -22.89 -1.12
C ASN A 222 17.77 -21.91 -0.31
N LYS A 223 17.16 -20.78 0.09
CA LYS A 223 17.89 -19.76 0.86
C LYS A 223 18.21 -20.30 2.26
N GLY A 224 17.22 -20.97 2.88
CA GLY A 224 17.38 -21.62 4.17
C GLY A 224 18.55 -22.59 4.17
N MET A 225 18.51 -23.51 3.21
CA MET A 225 19.55 -24.52 3.01
C MET A 225 20.94 -23.91 2.85
N GLU A 226 21.06 -22.87 2.03
CA GLU A 226 22.33 -22.19 1.77
C GLU A 226 22.86 -21.52 3.03
N HIS A 227 21.94 -21.08 3.90
CA HIS A 227 22.30 -20.49 5.18
C HIS A 227 22.62 -21.56 6.27
N LEU A 228 21.94 -22.72 6.23
CA LEU A 228 22.30 -23.87 7.08
C LEU A 228 23.75 -24.25 6.79
N TYR A 229 24.08 -24.39 5.49
CA TYR A 229 25.44 -24.69 5.05
C TYR A 229 26.43 -23.62 5.49
N SER A 230 26.04 -22.35 5.37
CA SER A 230 26.91 -21.19 5.65
C SER A 230 27.33 -21.09 7.10
N MET A 231 26.48 -21.61 7.99
CA MET A 231 26.72 -21.65 9.43
C MET A 231 27.49 -22.89 9.85
N LYS A 232 27.82 -23.76 8.88
CA LYS A 232 28.48 -25.05 9.08
C LYS A 232 27.54 -26.05 9.75
N YCM A 233 26.27 -26.06 9.32
CA YCM A 233 25.27 -26.98 9.84
CB YCM A 233 24.04 -26.23 10.37
SG YCM A 233 24.41 -25.01 11.67
C YCM A 233 24.84 -28.01 8.79
O YCM A 233 23.68 -28.40 8.72
N LYS A 234 25.81 -28.49 7.99
CA LYS A 234 25.55 -29.57 7.02
C LYS A 234 25.15 -30.88 7.74
N ASN A 235 25.64 -31.02 8.98
CA ASN A 235 25.28 -32.10 9.90
C ASN A 235 23.79 -32.16 10.26
N VAL A 236 23.07 -31.05 10.04
CA VAL A 236 21.66 -30.90 10.42
C VAL A 236 20.65 -31.47 9.39
N VAL A 237 21.07 -31.56 8.13
CA VAL A 237 20.18 -32.00 7.09
C VAL A 237 20.14 -33.53 7.11
N PRO A 238 18.93 -34.15 7.06
CA PRO A 238 18.81 -35.60 7.17
C PRO A 238 19.48 -36.31 5.98
N SER A 239 20.33 -37.29 6.26
CA SER A 239 21.01 -38.04 5.21
C SER A 239 20.01 -38.94 4.50
N TYR A 240 20.40 -39.41 3.31
CA TYR A 240 19.67 -40.44 2.57
C TYR A 240 19.41 -41.66 3.46
N ASP A 241 20.47 -42.12 4.16
CA ASP A 241 20.39 -43.29 5.06
C ASP A 241 19.40 -43.11 6.22
N LEU A 242 19.43 -41.93 6.86
CA LEU A 242 18.52 -41.61 7.96
C LEU A 242 17.08 -41.73 7.44
N LEU A 243 16.81 -41.09 6.29
CA LEU A 243 15.46 -41.04 5.73
C LEU A 243 14.98 -42.43 5.39
N LEU A 244 15.87 -43.21 4.75
CA LEU A 244 15.58 -44.58 4.34
C LEU A 244 15.27 -45.47 5.55
N GLU A 245 16.07 -45.38 6.62
CA GLU A 245 15.87 -46.13 7.84
C GLU A 245 14.55 -45.74 8.51
N MET A 246 14.23 -44.44 8.54
CA MET A 246 12.95 -43.98 9.09
C MET A 246 11.74 -44.48 8.27
N LEU A 247 11.89 -44.54 6.94
CA LEU A 247 10.86 -45.07 6.03
C LEU A 247 10.57 -46.56 6.23
N ASP A 248 11.62 -47.37 6.40
CA ASP A 248 11.46 -48.82 6.60
C ASP A 248 11.03 -49.22 8.03
N ALA A 249 11.15 -48.28 8.98
CA ALA A 249 10.81 -48.53 10.38
C ALA A 249 9.30 -48.68 10.53
N SER B 8 -5.57 0.01 -16.00
CA SER B 8 -4.48 -0.40 -16.93
C SER B 8 -5.03 -1.13 -18.15
N LEU B 9 -4.51 -0.78 -19.33
CA LEU B 9 -4.82 -1.41 -20.61
C LEU B 9 -4.59 -2.92 -20.57
N ALA B 10 -3.59 -3.34 -19.77
CA ALA B 10 -3.27 -4.74 -19.56
C ALA B 10 -4.47 -5.56 -19.07
N LEU B 11 -5.23 -4.99 -18.13
CA LEU B 11 -6.34 -5.71 -17.51
C LEU B 11 -7.58 -5.76 -18.40
N SER B 12 -7.58 -5.01 -19.51
CA SER B 12 -8.63 -5.06 -20.51
C SER B 12 -8.39 -6.06 -21.65
N LEU B 13 -7.21 -6.67 -21.70
CA LEU B 13 -6.82 -7.47 -22.87
C LEU B 13 -7.63 -8.77 -22.88
N THR B 14 -8.04 -9.24 -24.06
CA THR B 14 -8.51 -10.60 -24.21
C THR B 14 -7.31 -11.55 -24.15
N ALA B 15 -7.59 -12.85 -24.05
CA ALA B 15 -6.58 -13.90 -24.13
C ALA B 15 -5.75 -13.83 -25.41
N ASP B 16 -6.44 -13.68 -26.54
CA ASP B 16 -5.77 -13.57 -27.85
C ASP B 16 -4.88 -12.32 -27.99
N GLN B 17 -5.30 -11.18 -27.44
CA GLN B 17 -4.47 -9.97 -27.41
C GLN B 17 -3.24 -10.06 -26.53
N MET B 18 -3.40 -10.73 -25.38
CA MET B 18 -2.31 -10.97 -24.45
C MET B 18 -1.24 -11.81 -25.15
N VAL B 19 -1.66 -12.91 -25.75
CA VAL B 19 -0.77 -13.80 -26.50
C VAL B 19 -0.08 -13.06 -27.63
N SER B 20 -0.83 -12.29 -28.43
CA SER B 20 -0.26 -11.50 -29.53
C SER B 20 0.79 -10.54 -29.03
N ALA B 21 0.48 -9.84 -27.94
CA ALA B 21 1.42 -8.92 -27.31
C ALA B 21 2.74 -9.67 -26.93
N LEU B 22 2.59 -10.80 -26.24
CA LEU B 22 3.75 -11.57 -25.76
C LEU B 22 4.57 -12.16 -26.92
N LEU B 23 3.88 -12.69 -27.94
CA LEU B 23 4.53 -13.20 -29.12
C LEU B 23 5.33 -12.08 -29.83
N ASP B 24 4.69 -10.92 -30.01
CA ASP B 24 5.34 -9.76 -30.64
C ASP B 24 6.57 -9.26 -29.88
N ALA B 25 6.56 -9.39 -28.56
CA ALA B 25 7.64 -8.93 -27.66
C ALA B 25 8.84 -9.88 -27.56
N GLU B 26 8.73 -11.06 -28.17
CA GLU B 26 9.72 -12.11 -28.02
C GLU B 26 11.06 -11.62 -28.52
N PRO B 27 12.15 -11.80 -27.75
CA PRO B 27 13.48 -11.47 -28.25
C PRO B 27 13.92 -12.46 -29.32
N PRO B 28 14.87 -12.09 -30.22
CA PRO B 28 15.39 -13.04 -31.19
C PRO B 28 16.31 -14.03 -30.49
N ILE B 29 16.63 -15.14 -31.17
CA ILE B 29 17.65 -16.05 -30.71
C ILE B 29 18.99 -15.48 -31.16
N LEU B 30 19.87 -15.23 -30.19
CA LEU B 30 21.17 -14.65 -30.45
C LEU B 30 22.20 -15.76 -30.63
N TYR B 31 23.30 -15.42 -31.29
CA TYR B 31 24.40 -16.33 -31.55
C TYR B 31 25.53 -15.96 -30.61
N SER B 32 26.38 -16.94 -30.30
CA SER B 32 27.62 -16.71 -29.60
C SER B 32 28.64 -16.08 -30.59
N GLU B 33 29.62 -15.34 -30.04
CA GLU B 33 30.71 -14.78 -30.84
C GLU B 33 31.43 -15.83 -31.66
N TYR B 34 31.65 -17.02 -31.08
CA TYR B 34 32.32 -18.18 -31.69
C TYR B 34 32.69 -18.13 -33.19
N SER B 44 37.23 -19.63 -24.41
CA SER B 44 36.74 -20.06 -23.10
C SER B 44 35.20 -20.12 -23.04
N MET B 45 34.73 -21.22 -22.47
CA MET B 45 33.32 -21.53 -22.43
C MET B 45 32.57 -20.51 -21.60
N MET B 46 33.09 -20.24 -20.40
CA MET B 46 32.46 -19.28 -19.48
C MET B 46 32.46 -17.88 -20.11
N GLY B 47 33.53 -17.55 -20.85
CA GLY B 47 33.64 -16.33 -21.62
C GLY B 47 32.51 -16.14 -22.64
N LEU B 48 32.33 -17.15 -23.51
CA LEU B 48 31.26 -17.16 -24.50
C LEU B 48 29.87 -17.05 -23.90
N LEU B 49 29.60 -17.84 -22.85
CA LEU B 49 28.28 -17.84 -22.23
C LEU B 49 27.98 -16.52 -21.56
N THR B 50 28.99 -15.96 -20.88
CA THR B 50 28.88 -14.66 -20.20
C THR B 50 28.58 -13.56 -21.22
N ASN B 51 29.38 -13.51 -22.28
CA ASN B 51 29.14 -12.58 -23.40
C ASN B 51 27.72 -12.70 -23.96
N LEU B 52 27.25 -13.93 -24.15
CA LEU B 52 25.90 -14.20 -24.62
C LEU B 52 24.82 -13.74 -23.65
N ALA B 53 24.94 -14.13 -22.36
CA ALA B 53 24.00 -13.72 -21.33
C ALA B 53 23.93 -12.19 -21.22
N ASP B 54 25.08 -11.52 -21.31
CA ASP B 54 25.12 -10.04 -21.30
C ASP B 54 24.30 -9.40 -22.43
N ARG B 55 24.39 -9.97 -23.64
CA ARG B 55 23.63 -9.50 -24.78
C ARG B 55 22.15 -9.87 -24.66
N GLU B 56 21.87 -11.05 -24.12
CA GLU B 56 20.51 -11.46 -23.81
C GLU B 56 19.84 -10.52 -22.81
N LEU B 57 20.60 -10.05 -21.82
CA LEU B 57 20.04 -9.18 -20.77
C LEU B 57 19.45 -7.90 -21.35
N VAL B 58 20.15 -7.29 -22.31
CA VAL B 58 19.70 -6.04 -22.93
C VAL B 58 18.32 -6.26 -23.56
N HIS B 59 18.18 -7.37 -24.28
CA HIS B 59 16.91 -7.71 -24.91
C HIS B 59 15.83 -8.06 -23.88
N MET B 60 16.22 -8.67 -22.75
CA MET B 60 15.24 -9.06 -21.71
C MET B 60 14.58 -7.82 -21.11
N ILE B 61 15.38 -6.78 -20.87
CA ILE B 61 14.90 -5.55 -20.32
C ILE B 61 13.86 -4.91 -21.25
N ASN B 62 14.14 -4.96 -22.56
CA ASN B 62 13.23 -4.34 -23.54
C ASN B 62 11.99 -5.19 -23.73
N TRP B 63 12.17 -6.51 -23.64
CA TRP B 63 11.05 -7.46 -23.61
C TRP B 63 10.16 -7.19 -22.39
N ALA B 64 10.77 -7.09 -21.19
CA ALA B 64 10.01 -6.87 -19.96
C ALA B 64 9.08 -5.64 -20.05
N LYS B 65 9.60 -4.54 -20.60
CA LYS B 65 8.86 -3.28 -20.84
C LYS B 65 7.62 -3.47 -21.71
N ARG B 66 7.61 -4.53 -22.53
CA ARG B 66 6.49 -4.87 -23.39
C ARG B 66 5.53 -5.92 -22.81
N VAL B 67 5.85 -6.47 -21.65
CA VAL B 67 4.93 -7.41 -21.03
C VAL B 67 3.78 -6.58 -20.45
N PRO B 68 2.52 -6.81 -20.87
CA PRO B 68 1.39 -6.00 -20.40
C PRO B 68 1.32 -5.86 -18.87
N GLY B 69 1.22 -4.62 -18.38
CA GLY B 69 1.18 -4.35 -16.95
C GLY B 69 2.52 -3.97 -16.32
N PHE B 70 3.63 -4.45 -16.90
CA PHE B 70 4.96 -4.28 -16.30
C PHE B 70 5.37 -2.83 -16.12
N VAL B 71 5.19 -2.01 -17.16
CA VAL B 71 5.52 -0.58 -17.04
C VAL B 71 4.52 0.28 -16.26
N ASP B 72 3.39 -0.30 -15.82
CA ASP B 72 2.49 0.39 -14.88
C ASP B 72 3.09 0.45 -13.47
N LEU B 73 4.11 -0.37 -13.23
CA LEU B 73 4.83 -0.40 -11.98
C LEU B 73 5.85 0.73 -11.90
N THR B 74 6.18 1.17 -10.70
CA THR B 74 7.32 2.06 -10.47
C THR B 74 8.57 1.40 -11.01
N SER B 75 9.57 2.22 -11.36
CA SER B 75 10.90 1.78 -11.74
C SER B 75 11.55 0.86 -10.71
N HIS B 76 11.46 1.23 -9.43
CA HIS B 76 11.99 0.41 -8.33
C HIS B 76 11.41 -1.02 -8.34
N ASP B 77 10.09 -1.14 -8.51
CA ASP B 77 9.43 -2.44 -8.55
C ASP B 77 9.74 -3.20 -9.82
N GLN B 78 9.93 -2.48 -10.93
CA GLN B 78 10.37 -3.13 -12.17
C GLN B 78 11.73 -3.80 -11.99
N VAL B 79 12.68 -3.07 -11.37
CA VAL B 79 14.00 -3.58 -11.13
C VAL B 79 13.99 -4.77 -10.17
N HIS B 80 13.19 -4.67 -9.10
CA HIS B 80 13.12 -5.74 -8.11
C HIS B 80 12.67 -7.06 -8.76
N LEU B 81 11.65 -6.97 -9.63
CA LEU B 81 11.12 -8.12 -10.36
C LEU B 81 12.20 -8.70 -11.29
N LEU B 82 12.91 -7.83 -12.00
CA LEU B 82 13.94 -8.30 -12.91
C LEU B 82 15.12 -8.91 -12.16
N GLU B 83 15.50 -8.30 -11.03
CA GLU B 83 16.54 -8.86 -10.14
C GLU B 83 16.22 -10.30 -9.70
N YCM B 84 14.96 -10.54 -9.35
CA YCM B 84 14.55 -11.84 -8.85
CB YCM B 84 13.27 -11.67 -8.08
SG YCM B 84 13.50 -10.73 -6.55
CD YCM B 84 13.92 -12.01 -5.33
CE YCM B 84 15.20 -12.76 -5.63
OZ1 YCM B 84 15.14 -13.84 -6.21
NZ2 YCM B 84 16.33 -12.21 -5.23
C YCM B 84 14.36 -12.86 -9.99
O YCM B 84 14.46 -14.06 -9.74
N ALA B 85 14.09 -12.40 -11.22
CA ALA B 85 13.71 -13.32 -12.28
C ALA B 85 14.72 -13.60 -13.37
N TRP B 86 15.77 -12.78 -13.46
CA TRP B 86 16.63 -12.75 -14.63
C TRP B 86 17.23 -14.12 -15.01
N LEU B 87 17.73 -14.86 -14.01
CA LEU B 87 18.35 -16.17 -14.31
C LEU B 87 17.28 -17.22 -14.69
N GLU B 88 16.13 -17.18 -14.02
CA GLU B 88 15.02 -18.11 -14.35
C GLU B 88 14.55 -17.84 -15.80
N ILE B 89 14.49 -16.56 -16.20
CA ILE B 89 14.14 -16.16 -17.56
C ILE B 89 15.14 -16.67 -18.59
N LEU B 90 16.43 -16.47 -18.34
CA LEU B 90 17.47 -17.02 -19.21
C LEU B 90 17.33 -18.54 -19.33
N MET B 91 17.11 -19.21 -18.20
CA MET B 91 16.98 -20.66 -18.15
C MET B 91 15.80 -21.23 -18.90
N ILE B 92 14.63 -20.61 -18.72
CA ILE B 92 13.45 -21.09 -19.43
C ILE B 92 13.59 -20.90 -20.93
N GLY B 93 14.24 -19.81 -21.36
CA GLY B 93 14.57 -19.64 -22.76
C GLY B 93 15.47 -20.73 -23.28
N LEU B 94 16.51 -21.06 -22.49
CA LEU B 94 17.45 -22.14 -22.84
C LEU B 94 16.72 -23.46 -23.03
N VAL B 95 15.83 -23.78 -22.08
CA VAL B 95 15.08 -25.03 -22.08
C VAL B 95 14.18 -25.14 -23.32
N TRP B 96 13.44 -24.06 -23.62
CA TRP B 96 12.65 -23.93 -24.84
C TRP B 96 13.44 -24.14 -26.12
N ARG B 97 14.59 -23.48 -26.25
CA ARG B 97 15.48 -23.63 -27.42
C ARG B 97 16.00 -25.04 -27.57
N SER B 98 16.19 -25.72 -26.44
CA SER B 98 16.81 -27.05 -26.43
C SER B 98 15.80 -28.20 -26.59
N MET B 99 14.50 -27.87 -26.58
CA MET B 99 13.41 -28.84 -26.53
C MET B 99 13.51 -29.90 -27.60
N GLU B 100 13.76 -29.48 -28.85
CA GLU B 100 13.88 -30.38 -30.00
C GLU B 100 15.29 -30.96 -30.21
N HIS B 101 16.15 -30.86 -29.19
CA HIS B 101 17.51 -31.42 -29.21
C HIS B 101 17.78 -32.27 -27.97
N PRO B 102 17.13 -33.46 -27.82
CA PRO B 102 17.26 -34.25 -26.60
C PRO B 102 18.72 -34.60 -26.32
N GLY B 103 19.13 -34.46 -25.05
CA GLY B 103 20.50 -34.67 -24.65
C GLY B 103 21.41 -33.45 -24.70
N LYS B 104 20.94 -32.36 -25.32
CA LYS B 104 21.79 -31.18 -25.56
C LYS B 104 21.12 -29.89 -25.11
N LEU B 105 21.96 -28.92 -24.69
CA LEU B 105 21.54 -27.57 -24.36
C LEU B 105 22.02 -26.61 -25.46
N LEU B 106 21.04 -26.00 -26.15
CA LEU B 106 21.27 -25.06 -27.25
C LEU B 106 21.36 -23.67 -26.65
N PHE B 107 22.54 -23.34 -26.10
CA PHE B 107 22.78 -21.99 -25.55
C PHE B 107 22.59 -20.95 -26.66
N ALA B 108 23.11 -21.30 -27.84
CA ALA B 108 22.88 -20.55 -29.08
C ALA B 108 22.95 -21.52 -30.25
N PRO B 109 22.46 -21.16 -31.46
CA PRO B 109 22.51 -22.07 -32.61
C PRO B 109 23.92 -22.57 -32.93
N ASN B 110 24.94 -21.79 -32.54
CA ASN B 110 26.35 -22.11 -32.74
C ASN B 110 27.06 -22.46 -31.42
N LEU B 111 26.28 -22.83 -30.39
CA LEU B 111 26.81 -23.27 -29.12
C LEU B 111 25.87 -24.29 -28.49
N LEU B 112 25.97 -25.53 -28.99
CA LEU B 112 25.10 -26.64 -28.62
C LEU B 112 25.97 -27.60 -27.81
N LEU B 113 25.64 -27.80 -26.53
CA LEU B 113 26.48 -28.53 -25.57
C LEU B 113 25.78 -29.78 -25.04
N ASP B 114 26.48 -30.92 -25.05
CA ASP B 114 25.92 -32.18 -24.54
C ASP B 114 26.32 -32.35 -23.09
N ARG B 115 25.68 -33.31 -22.43
CA ARG B 115 25.92 -33.65 -21.03
C ARG B 115 27.38 -33.94 -20.67
N ASN B 116 28.11 -34.55 -21.60
CA ASN B 116 29.52 -34.90 -21.41
C ASN B 116 30.43 -33.70 -21.18
N GLN B 117 30.08 -32.55 -21.77
CA GLN B 117 30.81 -31.29 -21.59
C GLN B 117 30.50 -30.62 -20.24
N VAL B 125 27.49 -30.40 -14.05
CA VAL B 125 26.74 -31.47 -14.70
C VAL B 125 25.35 -31.64 -14.07
N GLU B 126 25.24 -31.42 -12.76
CA GLU B 126 23.99 -31.50 -12.04
C GLU B 126 22.97 -30.42 -12.50
N ILE B 127 23.44 -29.20 -12.78
CA ILE B 127 22.59 -28.16 -13.33
C ILE B 127 22.22 -28.47 -14.77
N PHE B 128 23.20 -28.97 -15.54
CA PHE B 128 23.00 -29.42 -16.90
C PHE B 128 21.85 -30.41 -16.94
N ASP B 129 21.91 -31.40 -16.04
CA ASP B 129 20.96 -32.48 -15.93
C ASP B 129 19.56 -31.99 -15.59
N MET B 130 19.47 -31.00 -14.69
CA MET B 130 18.21 -30.40 -14.33
C MET B 130 17.58 -29.64 -15.50
N LEU B 131 18.42 -28.94 -16.27
CA LEU B 131 17.97 -28.22 -17.45
C LEU B 131 17.45 -29.18 -18.49
N LEU B 132 18.18 -30.28 -18.71
CA LEU B 132 17.81 -31.34 -19.66
C LEU B 132 16.50 -32.02 -19.25
N ALA B 133 16.31 -32.28 -17.95
CA ALA B 133 15.07 -32.88 -17.46
C ALA B 133 13.90 -31.98 -17.73
N THR B 134 14.11 -30.67 -17.61
CA THR B 134 13.06 -29.70 -17.88
C THR B 134 12.68 -29.65 -19.38
N SER B 135 13.68 -29.70 -20.27
CA SER B 135 13.44 -29.79 -21.71
C SER B 135 12.61 -31.00 -22.08
N SER B 136 12.94 -32.16 -21.49
CA SER B 136 12.20 -33.41 -21.66
C SER B 136 10.78 -33.32 -21.18
N ARG B 137 10.57 -32.69 -20.03
CA ARG B 137 9.24 -32.42 -19.52
C ARG B 137 8.45 -31.53 -20.52
N PHE B 138 9.07 -30.46 -21.03
CA PHE B 138 8.42 -29.58 -22.02
C PHE B 138 8.05 -30.37 -23.26
N ARG B 139 8.98 -31.24 -23.70
CA ARG B 139 8.77 -32.09 -24.88
C ARG B 139 7.61 -33.08 -24.67
N MET B 140 7.65 -33.80 -23.54
CA MET B 140 6.60 -34.74 -23.14
C MET B 140 5.20 -34.09 -23.07
N MET B 141 5.14 -32.87 -22.57
CA MET B 141 3.91 -32.09 -22.53
C MET B 141 3.49 -31.41 -23.84
N ASN B 142 4.36 -31.45 -24.85
CA ASN B 142 4.14 -30.77 -26.12
C ASN B 142 3.87 -29.28 -25.87
N LEU B 143 4.77 -28.63 -25.12
CA LEU B 143 4.60 -27.24 -24.73
C LEU B 143 4.55 -26.42 -26.00
N GLN B 144 3.54 -25.56 -26.10
CA GLN B 144 3.34 -24.69 -27.28
C GLN B 144 4.01 -23.33 -27.05
N GLY B 145 4.45 -22.68 -28.14
CA GLY B 145 5.05 -21.35 -28.04
C GLY B 145 4.20 -20.32 -27.31
N GLU B 146 2.87 -20.37 -27.53
CA GLU B 146 1.92 -19.46 -26.88
C GLU B 146 1.90 -19.66 -25.35
N GLU B 147 2.02 -20.92 -24.92
CA GLU B 147 2.10 -21.29 -23.50
C GLU B 147 3.43 -20.84 -22.89
N PHE B 148 4.53 -21.08 -23.63
CA PHE B 148 5.87 -20.66 -23.24
C PHE B 148 5.97 -19.19 -22.90
N VAL B 149 5.47 -18.31 -23.79
CA VAL B 149 5.58 -16.86 -23.57
C VAL B 149 4.74 -16.47 -22.34
N CYS B 150 3.62 -17.14 -22.12
CA CYS B 150 2.81 -16.94 -20.90
C CYS B 150 3.58 -17.31 -19.65
N LEU B 151 4.24 -18.47 -19.67
CA LEU B 151 5.06 -18.92 -18.53
C LEU B 151 6.23 -17.96 -18.22
N LYS B 152 6.89 -17.46 -19.27
CA LYS B 152 8.02 -16.59 -19.12
C LYS B 152 7.61 -15.27 -18.46
N SER B 153 6.44 -14.77 -18.86
CA SER B 153 5.80 -13.61 -18.22
C SER B 153 5.36 -13.80 -16.76
N ILE B 154 4.85 -14.99 -16.44
CA ILE B 154 4.54 -15.36 -15.07
C ILE B 154 5.77 -15.32 -14.17
N ILE B 155 6.89 -15.88 -14.65
CA ILE B 155 8.17 -15.83 -13.97
C ILE B 155 8.57 -14.40 -13.62
N LEU B 156 8.50 -13.52 -14.62
CA LEU B 156 8.86 -12.10 -14.45
C LEU B 156 8.03 -11.43 -13.35
N LEU B 157 6.72 -11.66 -13.37
CA LEU B 157 5.80 -10.97 -12.42
C LEU B 157 5.75 -11.68 -11.08
N ASN B 158 5.91 -12.99 -11.05
CA ASN B 158 5.72 -13.77 -9.83
C ASN B 158 6.95 -13.86 -8.94
N SER B 159 8.13 -13.94 -9.56
CA SER B 159 9.33 -14.37 -8.85
C SER B 159 9.68 -13.41 -7.71
N GLY B 160 9.44 -12.11 -7.93
CA GLY B 160 9.81 -11.08 -6.98
C GLY B 160 8.67 -10.46 -6.18
N VAL B 161 7.44 -10.88 -6.45
CA VAL B 161 6.26 -10.23 -5.88
C VAL B 161 6.14 -10.39 -4.34
N TYR B 162 6.63 -11.52 -3.82
CA TYR B 162 6.48 -11.89 -2.39
C TYR B 162 7.60 -11.30 -1.53
N THR B 163 8.57 -10.63 -2.17
CA THR B 163 9.70 -10.00 -1.48
C THR B 163 9.79 -8.49 -1.67
N PHE B 164 8.64 -7.84 -1.92
CA PHE B 164 8.57 -6.37 -1.79
C PHE B 164 8.76 -5.85 -0.34
N LEU B 165 9.82 -5.06 -0.11
CA LEU B 165 10.26 -4.70 1.24
C LEU B 165 9.36 -3.63 1.87
N SER B 166 8.91 -2.70 1.02
CA SER B 166 8.00 -1.63 1.42
C SER B 166 6.70 -2.20 2.01
N SER B 167 6.06 -1.42 2.90
CA SER B 167 4.65 -1.64 3.26
C SER B 167 3.75 -0.39 3.09
N THR B 168 4.14 0.53 2.20
CA THR B 168 3.33 1.68 1.83
C THR B 168 2.06 1.25 1.08
N LEU B 169 1.08 2.16 1.01
CA LEU B 169 -0.08 2.02 0.13
C LEU B 169 0.35 1.71 -1.31
N LYS B 170 1.37 2.43 -1.81
CA LYS B 170 1.88 2.23 -3.16
C LYS B 170 2.30 0.78 -3.40
N SER B 171 3.11 0.25 -2.48
CA SER B 171 3.56 -1.16 -2.52
C SER B 171 2.41 -2.17 -2.54
N LEU B 172 1.39 -1.93 -1.72
CA LEU B 172 0.19 -2.79 -1.68
C LEU B 172 -0.59 -2.76 -3.02
N GLU B 173 -0.72 -1.54 -3.56
CA GLU B 173 -1.30 -1.29 -4.89
C GLU B 173 -0.52 -1.98 -6.01
N GLU B 174 0.80 -1.90 -5.94
CA GLU B 174 1.70 -2.60 -6.90
C GLU B 174 1.54 -4.13 -6.85
N LYS B 175 1.61 -4.73 -5.65
CA LYS B 175 1.38 -6.17 -5.47
C LYS B 175 -0.01 -6.58 -5.98
N ASP B 176 -1.05 -5.78 -5.68
CA ASP B 176 -2.40 -6.08 -6.16
C ASP B 176 -2.43 -6.10 -7.71
N HIS B 177 -1.81 -5.09 -8.34
CA HIS B 177 -1.74 -5.00 -9.81
C HIS B 177 -1.05 -6.22 -10.44
N ILE B 178 0.08 -6.63 -9.88
CA ILE B 178 0.79 -7.81 -10.31
C ILE B 178 -0.10 -9.05 -10.23
N HIS B 179 -0.82 -9.21 -9.12
CA HIS B 179 -1.69 -10.37 -8.96
C HIS B 179 -2.86 -10.38 -9.98
N ARG B 180 -3.40 -9.19 -10.25
CA ARG B 180 -4.40 -9.04 -11.29
C ARG B 180 -3.88 -9.39 -12.71
N VAL B 181 -2.67 -8.94 -13.06
CA VAL B 181 -2.08 -9.30 -14.34
C VAL B 181 -1.79 -10.79 -14.41
N LEU B 182 -1.32 -11.35 -13.29
CA LEU B 182 -1.08 -12.81 -13.17
C LEU B 182 -2.38 -13.59 -13.40
N ASP B 183 -3.50 -13.08 -12.87
CA ASP B 183 -4.84 -13.65 -13.12
C ASP B 183 -5.22 -13.59 -14.57
N LYS B 184 -4.87 -12.47 -15.22
CA LYS B 184 -5.08 -12.31 -16.67
C LYS B 184 -4.29 -13.36 -17.46
N ILE B 185 -3.05 -13.62 -17.05
CA ILE B 185 -2.23 -14.63 -17.72
C ILE B 185 -2.79 -16.08 -17.52
N THR B 186 -3.29 -16.37 -16.31
CA THR B 186 -4.00 -17.62 -16.06
C THR B 186 -5.19 -17.81 -17.00
N ASP B 187 -6.09 -16.80 -17.05
CA ASP B 187 -7.22 -16.82 -17.97
C ASP B 187 -6.74 -17.08 -19.42
N THR B 188 -5.63 -16.45 -19.81
CA THR B 188 -5.06 -16.59 -21.16
C THR B 188 -4.63 -18.03 -21.42
N LEU B 189 -3.88 -18.62 -20.47
CA LEU B 189 -3.48 -20.03 -20.56
C LEU B 189 -4.69 -20.96 -20.72
N ILE B 190 -5.70 -20.76 -19.89
CA ILE B 190 -6.94 -21.56 -19.97
C ILE B 190 -7.65 -21.37 -21.33
N HIS B 191 -7.74 -20.13 -21.80
CA HIS B 191 -8.33 -19.86 -23.11
C HIS B 191 -7.62 -20.65 -24.22
N LEU B 192 -6.28 -20.56 -24.25
CA LEU B 192 -5.47 -21.29 -25.24
C LEU B 192 -5.77 -22.81 -25.24
N MET B 193 -5.88 -23.38 -24.03
CA MET B 193 -6.18 -24.79 -23.85
C MET B 193 -7.58 -25.14 -24.34
N ALA B 194 -8.59 -24.34 -23.96
CA ALA B 194 -9.97 -24.56 -24.42
C ALA B 194 -10.04 -24.44 -25.94
N LYS B 195 -9.37 -23.43 -26.52
CA LYS B 195 -9.30 -23.25 -27.98
C LYS B 195 -8.75 -24.51 -28.64
N ALA B 196 -7.71 -25.10 -28.03
CA ALA B 196 -7.08 -26.32 -28.53
C ALA B 196 -7.92 -27.60 -28.33
N GLY B 197 -9.06 -27.48 -27.64
CA GLY B 197 -10.00 -28.56 -27.47
C GLY B 197 -9.85 -29.39 -26.19
N LEU B 198 -9.10 -28.89 -25.22
CA LEU B 198 -8.97 -29.58 -23.93
C LEU B 198 -10.30 -29.50 -23.18
N THR B 199 -10.68 -30.59 -22.51
CA THR B 199 -11.85 -30.60 -21.63
C THR B 199 -11.58 -29.69 -20.45
N LEU B 200 -12.61 -29.37 -19.67
CA LEU B 200 -12.43 -28.52 -18.48
C LEU B 200 -11.39 -29.17 -17.54
N GLN B 201 -11.51 -30.48 -17.33
CA GLN B 201 -10.62 -31.20 -16.45
C GLN B 201 -9.19 -31.14 -16.94
N GLN B 202 -8.99 -31.35 -18.24
CA GLN B 202 -7.66 -31.32 -18.85
C GLN B 202 -7.03 -29.92 -18.77
N GLN B 203 -7.87 -28.89 -18.91
CA GLN B 203 -7.42 -27.52 -18.81
C GLN B 203 -6.81 -27.25 -17.42
N HIS B 204 -7.50 -27.67 -16.37
CA HIS B 204 -7.03 -27.37 -15.02
C HIS B 204 -5.78 -28.17 -14.68
N GLN B 205 -5.73 -29.42 -15.14
CA GLN B 205 -4.61 -30.29 -14.90
C GLN B 205 -3.36 -29.80 -15.59
N ARG B 206 -3.48 -29.35 -16.84
CA ARG B 206 -2.34 -28.84 -17.60
C ARG B 206 -1.85 -27.51 -17.07
N LEU B 207 -2.77 -26.63 -16.68
CA LEU B 207 -2.39 -25.42 -15.98
C LEU B 207 -1.54 -25.72 -14.72
N ALA B 208 -2.01 -26.64 -13.89
CA ALA B 208 -1.24 -27.09 -12.73
C ALA B 208 0.16 -27.65 -13.08
N GLN B 209 0.22 -28.48 -14.13
CA GLN B 209 1.48 -29.08 -14.56
C GLN B 209 2.46 -28.01 -15.00
N LEU B 210 1.99 -26.99 -15.71
CA LEU B 210 2.86 -25.92 -16.19
C LEU B 210 3.36 -25.06 -15.03
N LEU B 211 2.47 -24.72 -14.10
CA LEU B 211 2.86 -23.89 -12.96
C LEU B 211 3.81 -24.59 -11.99
N LEU B 212 3.66 -25.92 -11.82
CA LEU B 212 4.56 -26.69 -10.98
C LEU B 212 5.99 -26.78 -11.55
N ILE B 213 6.14 -26.75 -12.87
CA ILE B 213 7.47 -26.69 -13.47
C ILE B 213 8.19 -25.40 -13.07
N LEU B 214 7.44 -24.31 -12.86
CA LEU B 214 8.03 -23.04 -12.41
C LEU B 214 8.78 -23.17 -11.11
N SER B 215 8.27 -24.05 -10.24
CA SER B 215 8.93 -24.36 -9.01
C SER B 215 10.32 -25.00 -9.23
N HIS B 216 10.41 -25.88 -10.23
CA HIS B 216 11.68 -26.44 -10.64
C HIS B 216 12.65 -25.41 -11.27
N ILE B 217 12.12 -24.49 -12.08
CA ILE B 217 12.93 -23.42 -12.68
C ILE B 217 13.52 -22.53 -11.58
N ARG B 218 12.74 -22.25 -10.52
CA ARG B 218 13.24 -21.46 -9.38
C ARG B 218 14.41 -22.17 -8.77
N HIS B 219 14.26 -23.48 -8.55
CA HIS B 219 15.26 -24.31 -7.94
C HIS B 219 16.56 -24.26 -8.73
N MET B 220 16.45 -24.52 -10.02
CA MET B 220 17.60 -24.42 -10.94
C MET B 220 18.27 -23.04 -10.92
N SER B 221 17.49 -21.96 -10.93
CA SER B 221 18.04 -20.60 -10.78
C SER B 221 18.84 -20.43 -9.49
N ASN B 222 18.30 -20.95 -8.38
CA ASN B 222 18.98 -20.90 -7.09
C ASN B 222 20.28 -21.70 -7.10
N LYS B 223 20.26 -22.89 -7.71
CA LYS B 223 21.46 -23.70 -7.82
C LYS B 223 22.49 -23.04 -8.74
N GLY B 224 22.03 -22.51 -9.88
CA GLY B 224 22.86 -21.77 -10.83
C GLY B 224 23.56 -20.60 -10.16
N MET B 225 22.80 -19.77 -9.45
CA MET B 225 23.35 -18.63 -8.70
C MET B 225 24.45 -19.04 -7.70
N GLU B 226 24.19 -20.11 -6.95
CA GLU B 226 25.14 -20.60 -5.95
C GLU B 226 26.40 -21.15 -6.63
N HIS B 227 26.24 -21.66 -7.84
CA HIS B 227 27.35 -22.12 -8.68
C HIS B 227 28.13 -20.94 -9.37
N LEU B 228 27.42 -19.88 -9.76
CA LEU B 228 28.05 -18.65 -10.27
C LEU B 228 28.98 -18.12 -9.17
N TYR B 229 28.45 -18.02 -7.93
CA TYR B 229 29.24 -17.61 -6.78
C TYR B 229 30.44 -18.52 -6.53
N SER B 230 30.22 -19.84 -6.65
CA SER B 230 31.23 -20.87 -6.35
C SER B 230 32.44 -20.83 -7.30
N MET B 231 32.20 -20.34 -8.52
CA MET B 231 33.21 -20.18 -9.55
C MET B 231 33.92 -18.83 -9.45
N LYS B 232 33.51 -18.00 -8.48
CA LYS B 232 33.98 -16.62 -8.29
C LYS B 232 33.46 -15.69 -9.40
N YCM B 233 32.20 -15.88 -9.81
CA YCM B 233 31.56 -15.04 -10.85
CB YCM B 233 31.02 -15.93 -11.98
SG YCM B 233 32.28 -16.93 -12.81
C YCM B 233 30.45 -14.15 -10.27
O YCM B 233 29.48 -13.86 -10.97
N LYS B 234 30.63 -13.72 -9.01
CA LYS B 234 29.66 -12.86 -8.33
C LYS B 234 29.54 -11.49 -9.04
N ASN B 235 30.64 -11.09 -9.70
CA ASN B 235 30.71 -9.91 -10.55
C ASN B 235 29.72 -9.89 -11.72
N VAL B 236 29.22 -11.06 -12.10
CA VAL B 236 28.44 -11.27 -13.32
C VAL B 236 26.92 -11.08 -13.15
N VAL B 237 26.42 -11.09 -11.89
CA VAL B 237 25.00 -10.97 -11.69
C VAL B 237 24.64 -9.48 -11.73
N PRO B 238 23.59 -9.07 -12.48
CA PRO B 238 23.26 -7.65 -12.60
C PRO B 238 22.78 -7.08 -11.27
N SER B 239 23.37 -5.96 -10.84
CA SER B 239 23.01 -5.29 -9.61
C SER B 239 21.69 -4.56 -9.84
N TYR B 240 21.08 -4.14 -8.73
CA TYR B 240 19.93 -3.27 -8.70
C TYR B 240 20.17 -2.00 -9.57
N ASP B 241 21.33 -1.37 -9.36
CA ASP B 241 21.71 -0.14 -10.05
C ASP B 241 21.89 -0.32 -11.56
N LEU B 242 22.52 -1.44 -11.94
CA LEU B 242 22.71 -1.78 -13.36
C LEU B 242 21.34 -1.86 -14.03
N LEU B 243 20.44 -2.61 -13.40
CA LEU B 243 19.10 -2.86 -13.95
C LEU B 243 18.32 -1.58 -14.04
N LEU B 244 18.42 -0.74 -13.01
CA LEU B 244 17.75 0.57 -12.95
C LEU B 244 18.20 1.47 -14.09
N GLU B 245 19.53 1.55 -14.29
CA GLU B 245 20.10 2.33 -15.39
C GLU B 245 19.64 1.78 -16.77
N MET B 246 19.63 0.45 -16.91
CA MET B 246 19.16 -0.20 -18.14
C MET B 246 17.67 0.06 -18.43
N LEU B 247 16.85 0.09 -17.37
CA LEU B 247 15.40 0.35 -17.47
C LEU B 247 15.10 1.79 -17.92
N ASP B 248 15.83 2.77 -17.38
CA ASP B 248 15.62 4.17 -17.75
C ASP B 248 16.25 4.57 -19.09
N ALA B 249 17.14 3.73 -19.63
CA ALA B 249 17.82 3.98 -20.89
C ALA B 249 16.85 3.89 -22.05
N SER C 8 -34.57 9.29 5.65
CA SER C 8 -33.29 9.15 4.91
C SER C 8 -32.67 7.77 5.07
N LEU C 9 -32.26 7.19 3.94
CA LEU C 9 -31.53 5.92 3.86
C LEU C 9 -30.04 6.12 3.56
N ALA C 10 -29.58 7.37 3.50
CA ALA C 10 -28.18 7.71 3.26
C ALA C 10 -27.24 7.08 4.32
N LEU C 11 -27.67 7.15 5.58
CA LEU C 11 -26.92 6.64 6.70
C LEU C 11 -26.90 5.12 6.81
N SER C 12 -27.75 4.44 6.04
CA SER C 12 -27.77 2.99 5.95
C SER C 12 -26.88 2.39 4.84
N LEU C 13 -26.25 3.23 4.01
CA LEU C 13 -25.30 2.72 3.01
C LEU C 13 -24.08 2.02 3.67
N THR C 14 -23.62 0.91 3.09
CA THR C 14 -22.33 0.34 3.44
C THR C 14 -21.19 1.21 2.89
N ALA C 15 -19.96 0.96 3.35
CA ALA C 15 -18.75 1.61 2.82
C ALA C 15 -18.63 1.43 1.29
N ASP C 16 -18.83 0.20 0.82
CA ASP C 16 -18.78 -0.08 -0.64
C ASP C 16 -19.83 0.64 -1.47
N GLN C 17 -21.05 0.76 -0.94
CA GLN C 17 -22.13 1.53 -1.60
C GLN C 17 -21.86 3.03 -1.63
N MET C 18 -21.27 3.55 -0.55
CA MET C 18 -20.89 4.94 -0.46
C MET C 18 -19.87 5.28 -1.54
N VAL C 19 -18.80 4.48 -1.61
CA VAL C 19 -17.78 4.63 -2.65
C VAL C 19 -18.38 4.57 -4.05
N SER C 20 -19.21 3.55 -4.32
CA SER C 20 -19.87 3.41 -5.61
C SER C 20 -20.69 4.62 -5.96
N ALA C 21 -21.48 5.10 -4.99
CA ALA C 21 -22.29 6.31 -5.14
C ALA C 21 -21.41 7.52 -5.54
N LEU C 22 -20.32 7.73 -4.79
CA LEU C 22 -19.43 8.88 -5.02
C LEU C 22 -18.72 8.78 -6.37
N LEU C 23 -18.23 7.58 -6.70
CA LEU C 23 -17.59 7.35 -7.99
C LEU C 23 -18.57 7.66 -9.13
N ASP C 24 -19.77 7.09 -9.04
CA ASP C 24 -20.82 7.28 -10.06
C ASP C 24 -21.23 8.75 -10.25
N ALA C 25 -21.17 9.52 -9.16
CA ALA C 25 -21.57 10.95 -9.15
C ALA C 25 -20.55 11.93 -9.72
N GLU C 26 -19.34 11.45 -10.03
CA GLU C 26 -18.22 12.31 -10.41
C GLU C 26 -18.56 13.18 -11.61
N PRO C 27 -18.30 14.50 -11.58
CA PRO C 27 -18.60 15.38 -12.72
C PRO C 27 -17.70 15.15 -13.93
N PRO C 28 -18.08 15.63 -15.14
CA PRO C 28 -17.19 15.53 -16.31
C PRO C 28 -16.03 16.49 -16.25
N ILE C 29 -14.97 16.19 -16.98
CA ILE C 29 -13.86 17.11 -17.19
C ILE C 29 -14.23 17.96 -18.40
N LEU C 30 -14.26 19.29 -18.19
CA LEU C 30 -14.61 20.24 -19.22
C LEU C 30 -13.35 20.78 -19.91
N TYR C 31 -13.56 21.38 -21.09
CA TYR C 31 -12.48 22.00 -21.83
C TYR C 31 -12.57 23.49 -21.64
N SER C 32 -11.42 24.16 -21.80
CA SER C 32 -11.35 25.61 -21.83
C SER C 32 -11.73 26.07 -23.25
N GLU C 33 -12.01 27.36 -23.46
CA GLU C 33 -12.09 27.93 -24.84
C GLU C 33 -11.00 27.37 -25.75
N TYR C 34 -11.37 27.03 -26.98
CA TYR C 34 -10.43 26.50 -27.95
C TYR C 34 -9.64 27.71 -28.47
N ASP C 35 -8.36 27.48 -28.78
CA ASP C 35 -7.40 28.50 -29.29
C ASP C 35 -7.66 29.93 -28.80
N PRO C 36 -7.39 30.25 -27.51
CA PRO C 36 -7.46 31.63 -27.05
C PRO C 36 -6.20 32.33 -27.52
N THR C 37 -6.27 33.67 -27.69
CA THR C 37 -5.11 34.48 -28.03
C THR C 37 -4.02 34.24 -27.00
N ARG C 38 -2.91 33.65 -27.46
CA ARG C 38 -1.74 33.48 -26.61
C ARG C 38 -0.71 34.47 -27.15
N PRO C 39 0.12 35.11 -26.30
CA PRO C 39 0.05 34.97 -24.84
C PRO C 39 -1.18 35.65 -24.20
N PHE C 40 -1.38 35.34 -22.91
CA PHE C 40 -2.49 35.88 -22.10
C PHE C 40 -2.14 37.26 -21.52
N SER C 41 -3.19 38.12 -21.43
CA SER C 41 -3.21 39.30 -20.56
C SER C 41 -3.86 38.87 -19.26
N GLU C 42 -3.82 39.75 -18.25
CA GLU C 42 -4.48 39.49 -16.96
C GLU C 42 -5.97 39.33 -17.12
N ALA C 43 -6.58 40.23 -17.90
CA ALA C 43 -8.00 40.14 -18.20
C ALA C 43 -8.39 38.83 -18.94
N SER C 44 -7.63 38.45 -19.97
CA SER C 44 -8.00 37.30 -20.79
C SER C 44 -7.78 35.98 -20.08
N MET C 45 -6.74 35.89 -19.25
CA MET C 45 -6.54 34.75 -18.38
C MET C 45 -7.71 34.62 -17.42
N MET C 46 -8.05 35.72 -16.76
CA MET C 46 -9.15 35.72 -15.78
C MET C 46 -10.47 35.38 -16.46
N GLY C 47 -10.64 35.84 -17.70
CA GLY C 47 -11.77 35.51 -18.57
C GLY C 47 -11.93 34.02 -18.82
N LEU C 48 -10.86 33.37 -19.29
CA LEU C 48 -10.85 31.92 -19.51
C LEU C 48 -11.14 31.12 -18.23
N LEU C 49 -10.49 31.49 -17.11
CA LEU C 49 -10.67 30.73 -15.87
C LEU C 49 -12.08 30.88 -15.34
N THR C 50 -12.58 32.12 -15.41
CA THR C 50 -13.95 32.46 -14.96
C THR C 50 -14.99 31.70 -15.78
N ASN C 51 -14.85 31.73 -17.10
CA ASN C 51 -15.71 30.97 -17.99
C ASN C 51 -15.72 29.50 -17.66
N LEU C 52 -14.53 28.93 -17.42
CA LEU C 52 -14.42 27.53 -17.03
C LEU C 52 -15.09 27.22 -15.69
N ALA C 53 -14.76 28.01 -14.67
CA ALA C 53 -15.37 27.83 -13.33
C ALA C 53 -16.91 27.93 -13.39
N ASP C 54 -17.42 28.88 -14.18
CA ASP C 54 -18.87 29.06 -14.35
C ASP C 54 -19.56 27.79 -14.93
N ARG C 55 -18.90 27.15 -15.91
CA ARG C 55 -19.44 25.93 -16.51
C ARG C 55 -19.31 24.75 -15.57
N GLU C 56 -18.18 24.69 -14.85
CA GLU C 56 -17.96 23.69 -13.82
C GLU C 56 -19.00 23.73 -12.73
N LEU C 57 -19.43 24.96 -12.36
CA LEU C 57 -20.38 25.10 -11.26
C LEU C 57 -21.67 24.32 -11.46
N VAL C 58 -22.19 24.33 -12.70
CA VAL C 58 -23.44 23.63 -13.01
C VAL C 58 -23.31 22.16 -12.69
N HIS C 59 -22.19 21.57 -13.11
CA HIS C 59 -21.96 20.15 -12.92
C HIS C 59 -21.66 19.84 -11.44
N MET C 60 -21.05 20.80 -10.72
CA MET C 60 -20.78 20.57 -9.28
C MET C 60 -22.08 20.44 -8.50
N ILE C 61 -23.07 21.27 -8.86
CA ILE C 61 -24.39 21.24 -8.22
C ILE C 61 -25.06 19.89 -8.45
N ASN C 62 -24.92 19.32 -9.66
CA ASN C 62 -25.50 17.99 -9.99
C ASN C 62 -24.81 16.89 -9.19
N TRP C 63 -23.48 17.03 -9.10
CA TRP C 63 -22.66 16.18 -8.28
C TRP C 63 -23.10 16.22 -6.80
N ALA C 64 -23.20 17.46 -6.25
CA ALA C 64 -23.61 17.65 -4.85
C ALA C 64 -24.92 16.92 -4.49
N LYS C 65 -25.91 17.04 -5.38
CA LYS C 65 -27.25 16.40 -5.22
C LYS C 65 -27.16 14.89 -5.09
N ARG C 66 -26.09 14.29 -5.63
CA ARG C 66 -25.85 12.87 -5.56
C ARG C 66 -24.92 12.44 -4.41
N VAL C 67 -24.40 13.38 -3.63
CA VAL C 67 -23.62 13.02 -2.45
C VAL C 67 -24.62 12.53 -1.41
N PRO C 68 -24.52 11.26 -0.95
CA PRO C 68 -25.50 10.72 0.00
C PRO C 68 -25.69 11.61 1.25
N GLY C 69 -26.94 11.93 1.57
CA GLY C 69 -27.27 12.79 2.70
C GLY C 69 -27.50 14.26 2.37
N PHE C 70 -26.89 14.74 1.27
CA PHE C 70 -26.93 16.15 0.89
C PHE C 70 -28.35 16.66 0.65
N VAL C 71 -29.14 15.92 -0.13
CA VAL C 71 -30.53 16.32 -0.38
C VAL C 71 -31.51 16.09 0.75
N ASP C 72 -31.08 15.45 1.85
CA ASP C 72 -31.92 15.35 3.07
C ASP C 72 -31.96 16.67 3.82
N LEU C 73 -31.04 17.58 3.47
CA LEU C 73 -30.98 18.91 4.07
C LEU C 73 -31.99 19.82 3.38
N THR C 74 -32.44 20.85 4.11
CA THR C 74 -33.26 21.91 3.50
C THR C 74 -32.47 22.52 2.34
N SER C 75 -33.19 23.10 1.38
CA SER C 75 -32.60 23.85 0.28
C SER C 75 -31.63 24.94 0.75
N HIS C 76 -32.06 25.69 1.77
CA HIS C 76 -31.24 26.73 2.36
C HIS C 76 -29.87 26.24 2.86
N ASP C 77 -29.86 25.11 3.57
CA ASP C 77 -28.64 24.50 4.07
C ASP C 77 -27.81 23.92 2.95
N GLN C 78 -28.46 23.39 1.90
CA GLN C 78 -27.71 22.95 0.71
C GLN C 78 -26.93 24.09 0.07
N VAL C 79 -27.59 25.25 -0.11
CA VAL C 79 -26.96 26.41 -0.69
C VAL C 79 -25.81 26.95 0.21
N HIS C 80 -26.05 27.02 1.52
CA HIS C 80 -25.03 27.48 2.47
C HIS C 80 -23.75 26.65 2.37
N LEU C 81 -23.90 25.32 2.30
CA LEU C 81 -22.78 24.39 2.13
C LEU C 81 -22.05 24.62 0.81
N LEU C 82 -22.81 24.80 -0.26
CA LEU C 82 -22.19 25.03 -1.55
C LEU C 82 -21.50 26.40 -1.59
N GLU C 83 -22.12 27.42 -1.00
CA GLU C 83 -21.50 28.74 -0.85
C GLU C 83 -20.13 28.70 -0.16
N YCM C 84 -20.04 27.91 0.92
CA YCM C 84 -18.81 27.80 1.68
CB YCM C 84 -19.13 27.25 3.06
SG YCM C 84 -20.14 28.33 4.08
CD YCM C 84 -18.95 29.56 4.68
CE YCM C 84 -17.96 28.96 5.70
OZ1 YCM C 84 -16.89 28.50 5.32
NZ2 YCM C 84 -18.34 28.98 6.97
C YCM C 84 -17.76 26.93 0.98
O YCM C 84 -16.58 27.09 1.24
N ALA C 85 -18.17 25.98 0.14
CA ALA C 85 -17.26 24.97 -0.37
C ALA C 85 -16.85 25.08 -1.82
N TRP C 86 -17.57 25.89 -2.61
CA TRP C 86 -17.44 25.84 -4.07
C TRP C 86 -16.02 26.00 -4.57
N LEU C 87 -15.29 26.99 -4.04
CA LEU C 87 -13.92 27.23 -4.47
C LEU C 87 -12.96 26.10 -4.04
N GLU C 88 -13.12 25.61 -2.81
CA GLU C 88 -12.32 24.47 -2.33
C GLU C 88 -12.53 23.24 -3.23
N ILE C 89 -13.79 22.99 -3.59
CA ILE C 89 -14.17 21.90 -4.49
C ILE C 89 -13.51 22.05 -5.89
N LEU C 90 -13.58 23.25 -6.48
CA LEU C 90 -12.94 23.49 -7.77
C LEU C 90 -11.43 23.23 -7.63
N MET C 91 -10.84 23.75 -6.54
CA MET C 91 -9.41 23.61 -6.30
C MET C 91 -8.92 22.19 -6.12
N ILE C 92 -9.65 21.38 -5.34
CA ILE C 92 -9.25 20.01 -5.14
C ILE C 92 -9.35 19.21 -6.44
N GLY C 93 -10.37 19.49 -7.25
CA GLY C 93 -10.48 18.92 -8.60
C GLY C 93 -9.26 19.27 -9.46
N LEU C 94 -8.86 20.55 -9.40
CA LEU C 94 -7.70 21.02 -10.14
C LEU C 94 -6.43 20.27 -9.72
N VAL C 95 -6.25 20.13 -8.40
CA VAL C 95 -5.07 19.47 -7.83
C VAL C 95 -5.00 17.99 -8.26
N TRP C 96 -6.14 17.30 -8.16
CA TRP C 96 -6.30 15.91 -8.63
C TRP C 96 -5.94 15.75 -10.12
N ARG C 97 -6.49 16.60 -10.99
CA ARG C 97 -6.20 16.60 -12.44
C ARG C 97 -4.73 16.83 -12.72
N SER C 98 -4.08 17.63 -11.88
CA SER C 98 -2.71 18.07 -12.10
C SER C 98 -1.65 17.11 -11.53
N MET C 99 -2.11 16.11 -10.78
CA MET C 99 -1.24 15.22 -9.99
C MET C 99 -0.12 14.60 -10.81
N GLU C 100 -0.48 14.09 -12.00
N GLU C 100 -0.46 14.07 -12.00
CA GLU C 100 0.45 13.44 -12.93
CA GLU C 100 0.55 13.45 -12.87
C GLU C 100 1.19 14.42 -13.87
C GLU C 100 1.21 14.42 -13.86
N HIS C 101 1.16 15.72 -13.56
CA HIS C 101 1.84 16.76 -14.34
C HIS C 101 2.67 17.65 -13.42
N PRO C 102 3.79 17.17 -12.85
CA PRO C 102 4.54 17.95 -11.87
C PRO C 102 5.01 19.27 -12.47
N GLY C 103 4.87 20.36 -11.71
CA GLY C 103 5.17 21.70 -12.17
C GLY C 103 4.05 22.44 -12.88
N LYS C 104 2.94 21.75 -13.16
CA LYS C 104 1.88 22.28 -14.03
C LYS C 104 0.49 22.10 -13.41
N LEU C 105 -0.40 23.04 -13.72
CA LEU C 105 -1.81 23.02 -13.32
C LEU C 105 -2.66 22.76 -14.57
N LEU C 106 -3.34 21.60 -14.58
CA LEU C 106 -4.20 21.16 -15.66
C LEU C 106 -5.61 21.70 -15.39
N PHE C 107 -5.83 22.97 -15.70
CA PHE C 107 -7.17 23.60 -15.55
C PHE C 107 -8.17 22.84 -16.41
N ALA C 108 -7.73 22.49 -17.63
CA ALA C 108 -8.48 21.65 -18.55
C ALA C 108 -7.50 20.88 -19.43
N PRO C 109 -7.93 19.82 -20.13
CA PRO C 109 -7.03 19.06 -21.00
C PRO C 109 -6.32 19.91 -22.04
N ASN C 110 -6.94 21.05 -22.41
CA ASN C 110 -6.40 22.00 -23.39
C ASN C 110 -5.93 23.29 -22.73
N LEU C 111 -5.72 23.28 -21.40
CA LEU C 111 -5.26 24.44 -20.66
C LEU C 111 -4.38 24.01 -19.50
N LEU C 112 -3.12 23.70 -19.84
CA LEU C 112 -2.12 23.24 -18.92
C LEU C 112 -1.13 24.37 -18.73
N LEU C 113 -1.02 24.88 -17.51
CA LEU C 113 -0.24 26.09 -17.20
C LEU C 113 0.90 25.76 -16.22
N ASP C 114 2.12 26.22 -16.54
CA ASP C 114 3.26 26.13 -15.64
C ASP C 114 3.34 27.38 -14.77
N ARG C 115 4.16 27.31 -13.73
CA ARG C 115 4.30 28.37 -12.72
C ARG C 115 4.52 29.81 -13.27
N ASN C 116 5.30 29.91 -14.36
CA ASN C 116 5.60 31.22 -14.96
C ASN C 116 4.38 31.95 -15.51
N GLN C 117 3.38 31.19 -15.98
CA GLN C 117 2.15 31.73 -16.53
C GLN C 117 1.16 32.23 -15.49
N GLY C 118 1.37 31.87 -14.21
CA GLY C 118 0.68 32.46 -13.09
C GLY C 118 0.98 33.94 -12.91
N LYS C 119 2.20 34.36 -13.29
CA LYS C 119 2.65 35.76 -13.24
C LYS C 119 1.83 36.72 -14.11
N CYS C 120 1.18 36.20 -15.15
CA CYS C 120 0.36 37.00 -16.09
C CYS C 120 -0.87 37.64 -15.44
N VAL C 121 -1.07 37.38 -14.14
CA VAL C 121 -2.06 38.07 -13.32
C VAL C 121 -1.42 38.48 -11.98
N GLU C 122 -1.51 39.79 -11.67
CA GLU C 122 -1.08 40.34 -10.39
C GLU C 122 -1.65 39.43 -9.35
N GLY C 123 -2.95 39.10 -9.51
CA GLY C 123 -3.57 37.93 -8.91
C GLY C 123 -2.59 37.14 -8.07
N MET C 124 -2.21 35.93 -8.51
CA MET C 124 -1.20 35.17 -7.77
C MET C 124 -0.53 33.87 -8.31
N VAL C 125 0.76 34.05 -8.59
CA VAL C 125 1.76 33.00 -8.59
C VAL C 125 1.86 32.30 -7.22
N GLU C 126 1.58 33.03 -6.13
CA GLU C 126 1.60 32.43 -4.80
C GLU C 126 0.49 31.39 -4.57
N ILE C 127 -0.69 31.63 -5.13
CA ILE C 127 -1.76 30.62 -5.13
C ILE C 127 -1.41 29.47 -6.04
N PHE C 128 -0.85 29.77 -7.20
CA PHE C 128 -0.34 28.76 -8.14
C PHE C 128 0.59 27.80 -7.42
N ASP C 129 1.55 28.38 -6.69
CA ASP C 129 2.58 27.66 -5.94
C ASP C 129 1.97 26.77 -4.85
N MET C 130 0.96 27.27 -4.15
CA MET C 130 0.27 26.50 -3.12
C MET C 130 -0.49 25.32 -3.74
N LEU C 131 -1.10 25.53 -4.91
CA LEU C 131 -1.83 24.49 -5.62
C LEU C 131 -0.87 23.41 -6.07
N LEU C 132 0.29 23.82 -6.58
CA LEU C 132 1.36 22.91 -7.02
C LEU C 132 1.94 22.08 -5.86
N ALA C 133 2.14 22.74 -4.71
CA ALA C 133 2.61 22.03 -3.50
C ALA C 133 1.61 20.96 -3.08
N THR C 134 0.32 21.25 -3.23
CA THR C 134 -0.72 20.29 -2.88
C THR C 134 -0.76 19.09 -3.83
N SER C 135 -0.60 19.33 -5.13
CA SER C 135 -0.48 18.23 -6.12
C SER C 135 0.68 17.29 -5.80
N SER C 136 1.83 17.88 -5.44
CA SER C 136 3.01 17.14 -4.97
C SER C 136 2.76 16.32 -3.75
N ARG C 137 2.06 16.89 -2.78
CA ARG C 137 1.66 16.17 -1.59
C ARG C 137 0.74 14.99 -1.96
N PHE C 138 -0.25 15.21 -2.83
CA PHE C 138 -1.14 14.13 -3.28
C PHE C 138 -0.34 13.02 -3.97
N ARG C 139 0.62 13.43 -4.79
CA ARG C 139 1.49 12.51 -5.53
C ARG C 139 2.35 11.69 -4.56
N MET C 140 3.03 12.37 -3.63
CA MET C 140 3.86 11.77 -2.61
C MET C 140 3.09 10.73 -1.75
N MET C 141 1.84 11.05 -1.41
CA MET C 141 0.95 10.12 -0.70
C MET C 141 0.28 9.03 -1.54
N ASN C 142 0.44 9.11 -2.87
CA ASN C 142 -0.22 8.19 -3.79
C ASN C 142 -1.74 8.19 -3.56
N LEU C 143 -2.34 9.39 -3.58
CA LEU C 143 -3.75 9.54 -3.32
C LEU C 143 -4.51 8.75 -4.38
N GLN C 144 -5.45 7.91 -3.94
CA GLN C 144 -6.28 7.10 -4.82
C GLN C 144 -7.60 7.81 -5.16
N GLY C 145 -8.15 7.51 -6.33
CA GLY C 145 -9.43 8.08 -6.78
C GLY C 145 -10.57 7.92 -5.79
N GLU C 146 -10.65 6.74 -5.16
CA GLU C 146 -11.69 6.44 -4.17
C GLU C 146 -11.55 7.33 -2.91
N GLU C 147 -10.31 7.62 -2.53
CA GLU C 147 -9.99 8.54 -1.42
C GLU C 147 -10.34 9.98 -1.78
N PHE C 148 -9.94 10.39 -2.99
CA PHE C 148 -10.23 11.71 -3.53
C PHE C 148 -11.73 12.06 -3.48
N VAL C 149 -12.60 11.16 -3.96
CA VAL C 149 -14.04 11.44 -3.97
C VAL C 149 -14.59 11.57 -2.56
N CYS C 150 -14.01 10.78 -1.63
CA CYS C 150 -14.35 10.91 -0.21
C CYS C 150 -13.96 12.25 0.34
N LEU C 151 -12.74 12.70 0.03
CA LEU C 151 -12.25 14.02 0.47
C LEU C 151 -13.11 15.18 -0.07
N LYS C 152 -13.49 15.07 -1.35
CA LYS C 152 -14.25 16.11 -2.00
C LYS C 152 -15.60 16.24 -1.34
N SER C 153 -16.21 15.11 -0.99
CA SER C 153 -17.47 15.06 -0.24
C SER C 153 -17.40 15.58 1.20
N ILE C 154 -16.28 15.32 1.87
CA ILE C 154 -16.02 15.89 3.19
C ILE C 154 -15.99 17.41 3.16
N ILE C 155 -15.29 17.96 2.16
CA ILE C 155 -15.23 19.43 1.93
C ILE C 155 -16.62 20.02 1.80
N LEU C 156 -17.47 19.39 0.97
CA LEU C 156 -18.83 19.84 0.74
C LEU C 156 -19.63 19.93 2.05
N LEU C 157 -19.56 18.87 2.86
CA LEU C 157 -20.38 18.74 4.06
C LEU C 157 -19.76 19.46 5.24
N ASN C 158 -18.43 19.52 5.29
CA ASN C 158 -17.71 20.11 6.45
C ASN C 158 -17.57 21.60 6.40
N SER C 159 -17.33 22.15 5.20
CA SER C 159 -16.86 23.52 5.09
C SER C 159 -17.84 24.52 5.69
N GLY C 160 -19.15 24.25 5.57
CA GLY C 160 -20.18 25.17 6.00
C GLY C 160 -20.94 24.78 7.25
N VAL C 161 -20.63 23.60 7.81
CA VAL C 161 -21.42 23.04 8.89
C VAL C 161 -21.34 23.86 10.20
N TYR C 162 -20.18 24.50 10.45
CA TYR C 162 -19.89 25.22 11.71
C TYR C 162 -20.44 26.65 11.69
N THR C 163 -20.99 27.07 10.55
CA THR C 163 -21.58 28.41 10.37
C THR C 163 -23.09 28.39 10.03
N PHE C 164 -23.78 27.32 10.46
CA PHE C 164 -25.20 27.33 10.74
C PHE C 164 -25.18 27.66 12.25
N LEU C 165 -25.07 28.94 12.59
CA LEU C 165 -25.00 29.37 14.00
C LEU C 165 -26.26 29.08 14.84
N SER C 166 -27.37 28.78 14.15
CA SER C 166 -28.64 28.48 14.80
C SER C 166 -28.54 27.31 15.78
N SER C 167 -29.37 27.34 16.83
CA SER C 167 -29.52 26.25 17.78
C SER C 167 -31.01 25.99 18.06
N THR C 168 -31.79 25.90 16.97
CA THR C 168 -33.26 25.77 17.01
C THR C 168 -33.81 24.45 16.40
N LEU C 169 -33.86 23.40 17.22
CA LEU C 169 -34.35 22.05 16.84
C LEU C 169 -34.02 21.55 15.42
N LYS C 170 -34.61 22.17 14.39
CA LYS C 170 -34.37 21.79 13.00
C LYS C 170 -32.87 21.92 12.66
N SER C 171 -32.28 23.06 13.05
CA SER C 171 -30.86 23.33 12.84
C SER C 171 -29.96 22.31 13.55
N LEU C 172 -30.31 21.93 14.79
CA LEU C 172 -29.58 20.90 15.52
C LEU C 172 -29.64 19.53 14.84
N GLU C 173 -30.84 19.18 14.36
CA GLU C 173 -31.11 17.98 13.55
C GLU C 173 -30.32 17.98 12.23
N GLU C 174 -30.28 19.12 11.54
CA GLU C 174 -29.46 19.28 10.31
C GLU C 174 -27.95 19.06 10.57
N LYS C 175 -27.40 19.78 11.57
CA LYS C 175 -26.00 19.62 11.95
C LYS C 175 -25.68 18.19 12.38
N ASP C 176 -26.59 17.56 13.14
CA ASP C 176 -26.40 16.17 13.58
C ASP C 176 -26.32 15.23 12.37
N HIS C 177 -27.24 15.41 11.42
CA HIS C 177 -27.27 14.61 10.19
C HIS C 177 -25.95 14.73 9.37
N ILE C 178 -25.47 15.97 9.20
CA ILE C 178 -24.22 16.22 8.53
C ILE C 178 -23.07 15.48 9.23
N HIS C 179 -23.01 15.57 10.55
CA HIS C 179 -21.94 14.92 11.32
C HIS C 179 -22.00 13.40 11.20
N ARG C 180 -23.22 12.84 11.18
CA ARG C 180 -23.41 11.42 10.92
C ARG C 180 -22.95 10.98 9.53
N VAL C 181 -23.26 11.77 8.48
CA VAL C 181 -22.80 11.44 7.14
C VAL C 181 -21.29 11.55 7.06
N LEU C 182 -20.72 12.59 7.71
CA LEU C 182 -19.28 12.77 7.79
C LEU C 182 -18.60 11.58 8.46
N ASP C 183 -19.20 11.06 9.54
CA ASP C 183 -18.73 9.83 10.20
C ASP C 183 -18.79 8.64 9.25
N LYS C 184 -19.85 8.55 8.45
CA LYS C 184 -19.97 7.50 7.43
C LYS C 184 -18.86 7.60 6.38
N ILE C 185 -18.51 8.82 5.97
CA ILE C 185 -17.41 8.99 5.00
C ILE C 185 -16.03 8.62 5.63
N THR C 186 -15.81 8.97 6.90
CA THR C 186 -14.64 8.50 7.65
C THR C 186 -14.54 6.98 7.66
N ASP C 187 -15.62 6.30 8.08
CA ASP C 187 -15.70 4.84 8.04
C ASP C 187 -15.32 4.31 6.66
N THR C 188 -15.82 4.97 5.61
CA THR C 188 -15.57 4.59 4.22
C THR C 188 -14.09 4.69 3.88
N LEU C 189 -13.47 5.82 4.22
CA LEU C 189 -12.03 5.99 4.03
C LEU C 189 -11.20 4.92 4.74
N ILE C 190 -11.56 4.63 6.00
CA ILE C 190 -10.90 3.59 6.76
C ILE C 190 -11.09 2.21 6.14
N HIS C 191 -12.33 1.92 5.71
CA HIS C 191 -12.61 0.66 5.01
C HIS C 191 -11.70 0.47 3.81
N LEU C 192 -11.61 1.50 2.95
CA LEU C 192 -10.74 1.47 1.77
C LEU C 192 -9.28 1.15 2.12
N MET C 193 -8.78 1.78 3.19
CA MET C 193 -7.42 1.59 3.66
C MET C 193 -7.20 0.16 4.19
N ALA C 194 -8.13 -0.32 5.02
CA ALA C 194 -8.05 -1.68 5.54
C ALA C 194 -8.14 -2.71 4.38
N LYS C 195 -9.05 -2.48 3.44
CA LYS C 195 -9.18 -3.33 2.24
C LYS C 195 -7.84 -3.40 1.50
N ALA C 196 -7.16 -2.26 1.39
CA ALA C 196 -5.87 -2.17 0.72
C ALA C 196 -4.72 -2.82 1.50
N GLY C 197 -4.97 -3.24 2.75
CA GLY C 197 -4.00 -3.96 3.56
C GLY C 197 -3.15 -3.12 4.50
N LEU C 198 -3.55 -1.86 4.72
CA LEU C 198 -2.86 -1.01 5.70
C LEU C 198 -3.11 -1.53 7.11
N THR C 199 -2.07 -1.51 7.96
CA THR C 199 -2.23 -1.86 9.38
C THR C 199 -3.13 -0.82 10.04
N LEU C 200 -3.61 -1.12 11.25
CA LEU C 200 -4.43 -0.16 12.00
C LEU C 200 -3.69 1.16 12.19
N GLN C 201 -2.40 1.09 12.55
CA GLN C 201 -1.59 2.28 12.77
C GLN C 201 -1.49 3.11 11.50
N GLN C 202 -1.21 2.45 10.37
CA GLN C 202 -1.09 3.11 9.07
C GLN C 202 -2.40 3.76 8.64
N GLN C 203 -3.51 3.08 8.94
CA GLN C 203 -4.84 3.59 8.62
C GLN C 203 -5.09 4.92 9.32
N HIS C 204 -4.78 4.99 10.62
CA HIS C 204 -5.06 6.21 11.39
C HIS C 204 -4.15 7.36 10.93
N GLN C 205 -2.89 7.05 10.62
CA GLN C 205 -1.92 8.03 10.22
C GLN C 205 -2.26 8.63 8.86
N ARG C 206 -2.70 7.78 7.94
CA ARG C 206 -3.08 8.23 6.59
C ARG C 206 -4.36 9.03 6.61
N LEU C 207 -5.35 8.59 7.39
CA LEU C 207 -6.56 9.36 7.60
C LEU C 207 -6.23 10.77 8.08
N ALA C 208 -5.38 10.87 9.11
CA ALA C 208 -4.94 12.18 9.61
C ALA C 208 -4.25 13.04 8.53
N GLN C 209 -3.35 12.42 7.76
CA GLN C 209 -2.60 13.12 6.73
C GLN C 209 -3.57 13.68 5.68
N LEU C 210 -4.57 12.90 5.28
CA LEU C 210 -5.55 13.36 4.31
C LEU C 210 -6.40 14.50 4.82
N LEU C 211 -6.90 14.37 6.06
CA LEU C 211 -7.74 15.43 6.63
C LEU C 211 -6.96 16.76 6.90
N LEU C 212 -5.69 16.66 7.30
CA LEU C 212 -4.87 17.83 7.50
C LEU C 212 -4.58 18.63 6.19
N ILE C 213 -4.51 17.94 5.04
CA ILE C 213 -4.38 18.63 3.77
C ILE C 213 -5.63 19.51 3.49
N LEU C 214 -6.81 19.08 3.95
CA LEU C 214 -8.02 19.86 3.82
C LEU C 214 -7.89 21.24 4.45
N SER C 215 -7.12 21.33 5.51
CA SER C 215 -6.85 22.59 6.15
C SER C 215 -6.07 23.55 5.22
N HIS C 216 -5.12 23.00 4.45
CA HIS C 216 -4.41 23.75 3.44
C HIS C 216 -5.30 24.18 2.26
N ILE C 217 -6.20 23.31 1.82
CA ILE C 217 -7.17 23.63 0.76
C ILE C 217 -8.08 24.78 1.20
N ARG C 218 -8.50 24.79 2.47
CA ARG C 218 -9.29 25.90 3.01
C ARG C 218 -8.51 27.19 2.89
N HIS C 219 -7.25 27.16 3.28
CA HIS C 219 -6.37 28.32 3.27
C HIS C 219 -6.26 28.87 1.85
N MET C 220 -5.96 27.98 0.90
CA MET C 220 -5.89 28.34 -0.51
C MET C 220 -7.20 28.97 -1.04
N SER C 221 -8.35 28.40 -0.66
CA SER C 221 -9.66 28.95 -1.00
C SER C 221 -9.83 30.36 -0.46
N ASN C 222 -9.43 30.58 0.80
CA ASN C 222 -9.48 31.90 1.41
C ASN C 222 -8.58 32.90 0.68
N LYS C 223 -7.37 32.48 0.31
CA LYS C 223 -6.44 33.35 -0.40
C LYS C 223 -6.99 33.67 -1.82
N GLY C 224 -7.49 32.63 -2.50
CA GLY C 224 -8.10 32.74 -3.80
C GLY C 224 -9.26 33.73 -3.79
N MET C 225 -10.18 33.55 -2.86
CA MET C 225 -11.34 34.42 -2.65
C MET C 225 -10.95 35.86 -2.43
N GLU C 226 -9.94 36.12 -1.59
CA GLU C 226 -9.49 37.47 -1.30
C GLU C 226 -8.92 38.13 -2.57
N HIS C 227 -8.32 37.30 -3.43
CA HIS C 227 -7.80 37.75 -4.71
C HIS C 227 -8.89 37.91 -5.82
N LEU C 228 -9.92 37.06 -5.80
CA LEU C 228 -11.10 37.23 -6.66
C LEU C 228 -11.71 38.61 -6.37
N TYR C 229 -11.92 38.89 -5.08
CA TYR C 229 -12.45 40.18 -4.65
C TYR C 229 -11.55 41.35 -5.04
N SER C 230 -10.22 41.15 -4.92
CA SER C 230 -9.23 42.18 -5.21
C SER C 230 -9.23 42.69 -6.65
N MET C 231 -9.75 41.90 -7.60
CA MET C 231 -10.38 42.51 -8.83
C MET C 231 -11.82 43.10 -8.54
N VAL C 237 -18.18 35.25 -8.24
CA VAL C 237 -18.50 34.27 -7.21
C VAL C 237 -20.02 34.05 -7.24
N PRO C 238 -20.50 32.78 -7.24
CA PRO C 238 -21.92 32.51 -7.42
C PRO C 238 -22.75 33.04 -6.25
N SER C 239 -23.82 33.77 -6.55
CA SER C 239 -24.71 34.29 -5.50
C SER C 239 -25.50 33.14 -4.90
N TYR C 240 -26.07 33.38 -3.71
CA TYR C 240 -27.01 32.49 -3.06
C TYR C 240 -28.16 32.12 -4.01
N ASP C 241 -28.72 33.14 -4.68
CA ASP C 241 -29.84 32.98 -5.63
C ASP C 241 -29.49 32.08 -6.83
N LEU C 242 -28.29 32.29 -7.40
CA LEU C 242 -27.81 31.48 -8.52
C LEU C 242 -27.76 30.03 -8.09
N LEU C 243 -27.15 29.77 -6.93
CA LEU C 243 -26.95 28.41 -6.42
C LEU C 243 -28.30 27.74 -6.16
N LEU C 244 -29.21 28.50 -5.54
CA LEU C 244 -30.55 28.04 -5.20
C LEU C 244 -31.34 27.66 -6.48
N GLU C 245 -31.28 28.52 -7.49
CA GLU C 245 -31.96 28.26 -8.76
C GLU C 245 -31.36 27.04 -9.46
N MET C 246 -30.03 26.91 -9.43
CA MET C 246 -29.38 25.72 -10.00
C MET C 246 -29.75 24.42 -9.28
N LEU C 247 -29.89 24.50 -7.95
CA LEU C 247 -30.31 23.36 -7.12
C LEU C 247 -31.73 22.89 -7.39
N ASP C 248 -32.67 23.82 -7.56
CA ASP C 248 -34.08 23.48 -7.84
C ASP C 248 -34.35 23.07 -9.30
N ALA C 249 -33.41 23.36 -10.20
CA ALA C 249 -33.57 23.07 -11.62
C ALA C 249 -33.56 21.57 -11.88
N SER D 8 15.85 11.90 16.19
CA SER D 8 15.30 12.88 17.18
C SER D 8 14.60 12.18 18.34
N LEU D 9 14.85 12.67 19.56
CA LEU D 9 14.20 12.20 20.80
C LEU D 9 12.68 12.27 20.70
N ALA D 10 12.18 13.25 19.93
CA ALA D 10 10.76 13.40 19.67
C ALA D 10 10.11 12.16 19.06
N LEU D 11 10.81 11.52 18.12
CA LEU D 11 10.28 10.34 17.44
C LEU D 11 10.33 9.07 18.26
N SER D 12 11.03 9.11 19.41
CA SER D 12 11.05 8.01 20.36
C SER D 12 9.96 8.10 21.46
N LEU D 13 9.23 9.21 21.54
CA LEU D 13 8.32 9.45 22.65
C LEU D 13 7.15 8.49 22.59
N THR D 14 6.73 7.99 23.76
CA THR D 14 5.47 7.25 23.88
C THR D 14 4.33 8.29 23.81
N ALA D 15 3.10 7.80 23.68
CA ALA D 15 1.91 8.65 23.72
C ALA D 15 1.81 9.40 25.05
N ASP D 16 2.04 8.70 26.17
CA ASP D 16 2.04 9.30 27.50
C ASP D 16 3.09 10.40 27.71
N GLN D 17 4.30 10.22 27.15
CA GLN D 17 5.36 11.23 27.22
C GLN D 17 5.08 12.46 26.41
N MET D 18 4.48 12.26 25.22
CA MET D 18 4.08 13.32 24.34
C MET D 18 3.06 14.21 25.06
N VAL D 19 2.02 13.59 25.61
CA VAL D 19 0.99 14.30 26.36
C VAL D 19 1.58 15.04 27.54
N SER D 20 2.44 14.37 28.34
CA SER D 20 3.11 15.00 29.48
C SER D 20 3.91 16.20 29.08
N ALA D 21 4.69 16.07 28.00
CA ALA D 21 5.47 17.16 27.43
C ALA D 21 4.56 18.37 27.10
N LEU D 22 3.49 18.09 26.36
CA LEU D 22 2.58 19.15 25.91
C LEU D 22 1.84 19.80 27.08
N LEU D 23 1.37 18.99 28.04
CA LEU D 23 0.72 19.51 29.25
C LEU D 23 1.68 20.41 30.02
N ASP D 24 2.91 19.95 30.24
CA ASP D 24 3.95 20.74 30.94
C ASP D 24 4.27 22.06 30.26
N ALA D 25 4.20 22.10 28.93
CA ALA D 25 4.53 23.28 28.09
C ALA D 25 3.41 24.31 28.00
N GLU D 26 2.22 23.98 28.54
CA GLU D 26 1.05 24.82 28.39
C GLU D 26 1.32 26.18 28.99
N PRO D 27 1.03 27.29 28.27
CA PRO D 27 1.10 28.61 28.86
C PRO D 27 0.02 28.83 29.91
N PRO D 28 0.22 29.74 30.88
CA PRO D 28 -0.83 30.05 31.85
C PRO D 28 -1.92 30.87 31.15
N ILE D 29 -3.07 31.02 31.80
CA ILE D 29 -4.09 31.93 31.31
C ILE D 29 -3.72 33.32 31.82
N LEU D 30 -3.55 34.26 30.90
CA LEU D 30 -3.16 35.61 31.21
C LEU D 30 -4.42 36.49 31.39
N TYR D 31 -4.24 37.58 32.13
CA TYR D 31 -5.30 38.55 32.41
C TYR D 31 -5.02 39.76 31.55
N SER D 32 -6.09 40.51 31.23
CA SER D 32 -5.97 41.80 30.58
C SER D 32 -5.52 42.83 31.63
N GLU D 33 -4.85 43.89 31.16
CA GLU D 33 -4.40 44.99 32.01
C GLU D 33 -5.59 45.67 32.67
N SER D 44 -9.96 51.13 25.61
CA SER D 44 -10.26 50.63 24.28
C SER D 44 -10.11 49.11 24.16
N MET D 45 -11.11 48.50 23.53
CA MET D 45 -11.22 47.07 23.42
C MET D 45 -10.06 46.52 22.60
N MET D 46 -9.81 47.11 21.44
CA MET D 46 -8.74 46.67 20.56
C MET D 46 -7.38 46.84 21.24
N GLY D 47 -7.24 47.90 22.03
CA GLY D 47 -6.07 48.15 22.88
C GLY D 47 -5.77 47.01 23.85
N LEU D 48 -6.79 46.65 24.65
CA LEU D 48 -6.69 45.55 25.62
C LEU D 48 -6.38 44.21 24.95
N LEU D 49 -7.06 43.88 23.85
CA LEU D 49 -6.85 42.60 23.19
C LEU D 49 -5.48 42.54 22.57
N THR D 50 -5.03 43.64 21.96
CA THR D 50 -3.71 43.74 21.33
C THR D 50 -2.61 43.55 22.39
N ASN D 51 -2.72 44.28 23.50
CA ASN D 51 -1.82 44.11 24.65
C ASN D 51 -1.76 42.65 25.14
N LEU D 52 -2.94 42.02 25.23
CA LEU D 52 -3.04 40.62 25.64
C LEU D 52 -2.40 39.67 24.63
N ALA D 53 -2.74 39.81 23.34
CA ALA D 53 -2.14 39.01 22.28
C ALA D 53 -0.63 39.13 22.26
N ASP D 54 -0.12 40.35 22.46
CA ASP D 54 1.35 40.60 22.53
C ASP D 54 2.03 39.82 23.68
N ARG D 55 1.38 39.76 24.84
CA ARG D 55 1.88 38.99 25.97
C ARG D 55 1.73 37.49 25.76
N GLU D 56 0.64 37.08 25.13
CA GLU D 56 0.46 35.70 24.71
C GLU D 56 1.52 35.24 23.72
N LEU D 57 1.92 36.12 22.80
CA LEU D 57 2.92 35.75 21.78
C LEU D 57 4.24 35.32 22.41
N VAL D 58 4.70 36.02 23.44
CA VAL D 58 5.96 35.71 24.13
C VAL D 58 5.90 34.28 24.67
N HIS D 59 4.77 33.96 25.31
CA HIS D 59 4.58 32.61 25.84
C HIS D 59 4.45 31.56 24.72
N MET D 60 3.86 31.93 23.59
CA MET D 60 3.65 30.98 22.47
C MET D 60 4.99 30.54 21.90
N ILE D 61 5.92 31.50 21.76
CA ILE D 61 7.24 31.23 21.27
C ILE D 61 7.96 30.22 22.15
N ASN D 62 7.83 30.40 23.47
CA ASN D 62 8.55 29.54 24.41
C ASN D 62 7.86 28.19 24.50
N TRP D 63 6.53 28.20 24.37
CA TRP D 63 5.72 26.97 24.23
C TRP D 63 6.15 26.19 22.99
N ALA D 64 6.24 26.87 21.83
CA ALA D 64 6.61 26.22 20.57
C ALA D 64 7.95 25.47 20.67
N LYS D 65 8.94 26.09 21.31
CA LYS D 65 10.27 25.51 21.57
C LYS D 65 10.22 24.21 22.38
N ARG D 66 9.12 24.03 23.13
CA ARG D 66 8.89 22.82 23.91
C ARG D 66 8.05 21.76 23.21
N VAL D 67 7.48 22.09 22.04
CA VAL D 67 6.72 21.09 21.30
C VAL D 67 7.73 20.09 20.71
N PRO D 68 7.63 18.79 21.06
CA PRO D 68 8.59 17.80 20.57
C PRO D 68 8.80 17.83 19.04
N GLY D 69 10.07 17.91 18.62
CA GLY D 69 10.44 17.99 17.21
C GLY D 69 10.64 19.38 16.63
N PHE D 70 9.98 20.39 17.22
CA PHE D 70 10.02 21.77 16.74
C PHE D 70 11.41 22.36 16.67
N VAL D 71 12.21 22.21 17.75
CA VAL D 71 13.57 22.75 17.73
C VAL D 71 14.58 21.94 16.93
N ASP D 72 14.19 20.76 16.42
CA ASP D 72 15.05 20.01 15.48
C ASP D 72 15.08 20.68 14.11
N LEU D 73 14.15 21.60 13.87
CA LEU D 73 14.06 22.33 12.63
C LEU D 73 15.04 23.48 12.65
N THR D 74 15.46 23.94 11.47
CA THR D 74 16.20 25.17 11.33
C THR D 74 15.37 26.30 11.90
N SER D 75 16.03 27.37 12.33
CA SER D 75 15.39 28.60 12.77
C SER D 75 14.45 29.19 11.73
N HIS D 76 14.88 29.20 10.46
CA HIS D 76 14.03 29.68 9.35
C HIS D 76 12.68 28.90 9.30
N ASP D 77 12.73 27.58 9.42
CA ASP D 77 11.53 26.74 9.37
C ASP D 77 10.70 26.91 10.62
N GLN D 78 11.35 27.14 11.77
CA GLN D 78 10.61 27.45 12.99
C GLN D 78 9.76 28.71 12.84
N VAL D 79 10.38 29.76 12.28
CA VAL D 79 9.71 31.03 12.07
C VAL D 79 8.56 30.91 11.07
N HIS D 80 8.80 30.17 9.97
CA HIS D 80 7.79 30.01 8.93
C HIS D 80 6.53 29.35 9.51
N LEU D 81 6.72 28.31 10.33
CA LEU D 81 5.62 27.62 11.00
C LEU D 81 4.89 28.55 11.96
N LEU D 82 5.63 29.33 12.74
CA LEU D 82 5.00 30.25 13.66
C LEU D 82 4.24 31.36 12.94
N GLU D 83 4.83 31.88 11.85
CA GLU D 83 4.16 32.87 10.98
C GLU D 83 2.80 32.38 10.48
N YCM D 84 2.76 31.11 10.04
CA YCM D 84 1.54 30.55 9.49
CB YCM D 84 1.91 29.36 8.64
SG YCM D 84 2.90 29.77 7.18
CD YCM D 84 1.63 30.36 6.01
CE YCM D 84 0.69 29.24 5.54
OZ1 YCM D 84 -0.37 29.04 6.12
NZ2 YCM D 84 1.08 28.54 4.50
C YCM D 84 0.51 30.17 10.56
O YCM D 84 -0.66 30.12 10.27
N ALA D 85 0.94 29.90 11.80
CA ALA D 85 0.05 29.35 12.80
C ALA D 85 -0.42 30.28 13.93
N TRP D 86 0.25 31.44 14.08
CA TRP D 86 0.09 32.24 15.29
C TRP D 86 -1.37 32.61 15.64
N LEU D 87 -2.13 33.06 14.63
CA LEU D 87 -3.53 33.49 14.91
C LEU D 87 -4.43 32.26 15.20
N GLU D 88 -4.19 31.16 14.47
CA GLU D 88 -4.96 29.91 14.70
C GLU D 88 -4.70 29.40 16.14
N ILE D 89 -3.44 29.50 16.60
CA ILE D 89 -3.06 29.15 17.96
C ILE D 89 -3.75 30.01 19.01
N LEU D 90 -3.74 31.32 18.82
CA LEU D 90 -4.45 32.22 19.72
C LEU D 90 -5.93 31.87 19.76
N MET D 91 -6.52 31.64 18.57
CA MET D 91 -7.94 31.33 18.44
C MET D 91 -8.38 30.04 19.10
N ILE D 92 -7.60 28.97 18.92
CA ILE D 92 -7.95 27.71 19.53
C ILE D 92 -7.86 27.79 21.05
N GLY D 93 -6.88 28.56 21.57
CA GLY D 93 -6.82 28.84 23.00
C GLY D 93 -8.05 29.57 23.48
N LEU D 94 -8.48 30.57 22.71
CA LEU D 94 -9.69 31.36 23.07
C LEU D 94 -10.92 30.45 23.15
N VAL D 95 -11.06 29.58 22.15
CA VAL D 95 -12.19 28.65 22.06
C VAL D 95 -12.23 27.69 23.26
N TRP D 96 -11.08 27.09 23.57
CA TRP D 96 -10.88 26.25 24.76
C TRP D 96 -11.27 26.95 26.07
N ARG D 97 -10.78 28.18 26.28
CA ARG D 97 -11.10 28.97 27.46
C ARG D 97 -12.57 29.28 27.58
N SER D 98 -13.23 29.45 26.43
CA SER D 98 -14.61 29.88 26.38
C SER D 98 -15.63 28.70 26.46
N MET D 99 -15.11 27.47 26.39
CA MET D 99 -15.91 26.25 26.24
C MET D 99 -17.04 26.16 27.26
N GLU D 100 -16.72 26.40 28.54
CA GLU D 100 -17.69 26.33 29.63
C GLU D 100 -18.45 27.64 29.87
N HIS D 101 -18.43 28.56 28.91
CA HIS D 101 -19.16 29.82 28.97
C HIS D 101 -19.99 30.05 27.71
N PRO D 102 -21.08 29.27 27.50
CA PRO D 102 -21.85 29.36 26.25
C PRO D 102 -22.37 30.77 26.01
N GLY D 103 -22.25 31.25 24.77
CA GLY D 103 -22.62 32.60 24.40
C GLY D 103 -21.54 33.64 24.53
N LYS D 104 -20.42 33.30 25.19
CA LYS D 104 -19.38 34.29 25.52
C LYS D 104 -17.97 33.82 25.12
N LEU D 105 -17.12 34.79 24.80
CA LEU D 105 -15.71 34.58 24.49
C LEU D 105 -14.86 35.14 25.63
N LEU D 106 -14.15 34.23 26.31
CA LEU D 106 -13.31 34.51 27.46
C LEU D 106 -11.91 34.81 26.94
N PHE D 107 -11.72 36.05 26.47
CA PHE D 107 -10.40 36.50 26.00
C PHE D 107 -9.40 36.40 27.15
N ALA D 108 -9.86 36.78 28.34
CA ALA D 108 -9.14 36.60 29.59
C ALA D 108 -10.16 36.47 30.71
N PRO D 109 -9.79 35.96 31.92
CA PRO D 109 -10.75 35.84 33.02
C PRO D 109 -11.44 37.15 33.37
N ASN D 110 -10.79 38.28 33.08
CA ASN D 110 -11.31 39.63 33.31
C ASN D 110 -11.67 40.35 32.01
N LEU D 111 -11.89 39.58 30.93
CA LEU D 111 -12.35 40.12 29.66
C LEU D 111 -13.22 39.08 28.96
N LEU D 112 -14.48 39.00 29.40
CA LEU D 112 -15.44 38.05 28.90
C LEU D 112 -16.47 38.84 28.09
N LEU D 113 -16.56 38.56 26.78
CA LEU D 113 -17.41 39.29 25.85
C LEU D 113 -18.53 38.42 25.27
N ASP D 114 -19.76 38.95 25.29
CA ASP D 114 -20.91 38.26 24.68
C ASP D 114 -21.11 38.79 23.27
N ARG D 115 -21.91 38.05 22.49
CA ARG D 115 -22.15 38.31 21.08
C ARG D 115 -22.64 39.73 20.75
N ASN D 116 -23.45 40.31 21.64
CA ASN D 116 -23.97 41.68 21.44
C ASN D 116 -22.90 42.75 21.39
N GLN D 117 -21.80 42.56 22.14
CA GLN D 117 -20.68 43.49 22.15
C GLN D 117 -19.56 42.77 21.37
N GLY D 118 -19.88 42.41 20.13
CA GLY D 118 -18.93 41.84 19.20
C GLY D 118 -19.62 41.44 17.91
N GLU D 122 -19.74 45.51 9.88
CA GLU D 122 -19.50 44.30 9.12
C GLU D 122 -18.25 43.63 9.66
N GLY D 123 -18.06 42.35 9.30
CA GLY D 123 -17.02 41.51 9.85
C GLY D 123 -17.37 41.14 11.29
N MET D 124 -16.55 41.64 12.23
CA MET D 124 -16.75 41.52 13.68
C MET D 124 -17.63 40.42 14.32
N VAL D 125 -18.96 40.57 14.22
CA VAL D 125 -19.91 39.64 14.81
C VAL D 125 -19.86 38.27 14.12
N GLU D 126 -19.55 38.26 12.82
CA GLU D 126 -19.41 37.01 12.06
C GLU D 126 -18.23 36.14 12.56
N ILE D 127 -17.12 36.76 12.92
CA ILE D 127 -15.99 36.06 13.52
C ILE D 127 -16.34 35.59 14.93
N PHE D 128 -17.01 36.46 15.69
CA PHE D 128 -17.51 36.14 17.01
C PHE D 128 -18.31 34.86 16.96
N ASP D 129 -19.25 34.82 16.00
CA ASP D 129 -20.18 33.72 15.80
C ASP D 129 -19.46 32.42 15.44
N MET D 130 -18.44 32.52 14.59
CA MET D 130 -17.65 31.36 14.21
C MET D 130 -16.86 30.81 15.40
N LEU D 131 -16.32 31.72 16.23
CA LEU D 131 -15.57 31.31 17.41
C LEU D 131 -16.49 30.62 18.40
N LEU D 132 -17.70 31.17 18.59
CA LEU D 132 -18.72 30.60 19.48
C LEU D 132 -19.20 29.24 18.99
N ALA D 133 -19.38 29.07 17.67
CA ALA D 133 -19.77 27.77 17.11
C ALA D 133 -18.72 26.74 17.37
N THR D 134 -17.45 27.15 17.32
CA THR D 134 -16.34 26.23 17.61
C THR D 134 -16.30 25.79 19.08
N SER D 135 -16.53 26.73 20.01
CA SER D 135 -16.65 26.43 21.44
C SER D 135 -17.75 25.41 21.72
N SER D 136 -18.91 25.60 21.08
CA SER D 136 -20.06 24.70 21.17
C SER D 136 -19.73 23.32 20.65
N ARG D 137 -19.04 23.26 19.52
CA ARG D 137 -18.59 22.00 18.98
C ARG D 137 -17.63 21.29 19.98
N PHE D 138 -16.67 22.02 20.56
CA PHE D 138 -15.77 21.46 21.56
C PHE D 138 -16.57 20.93 22.75
N ARG D 139 -17.55 21.71 23.20
CA ARG D 139 -18.42 21.34 24.32
C ARG D 139 -19.24 20.07 24.01
N MET D 140 -19.91 20.05 22.86
CA MET D 140 -20.70 18.92 22.40
C MET D 140 -19.88 17.62 22.27
N MET D 141 -18.63 17.75 21.81
CA MET D 141 -17.69 16.63 21.73
C MET D 141 -17.00 16.26 23.05
N ASN D 142 -17.21 17.06 24.11
CA ASN D 142 -16.55 16.85 25.38
C ASN D 142 -15.02 16.81 25.21
N LEU D 143 -14.48 17.84 24.55
CA LEU D 143 -13.05 17.88 24.23
C LEU D 143 -12.28 17.88 25.52
N GLN D 144 -11.29 16.98 25.63
CA GLN D 144 -10.45 16.85 26.83
C GLN D 144 -9.17 17.70 26.68
N GLY D 145 -8.64 18.19 27.82
CA GLY D 145 -7.39 18.96 27.83
C GLY D 145 -6.22 18.28 27.12
N GLU D 146 -6.09 16.96 27.27
CA GLU D 146 -5.04 16.18 26.59
C GLU D 146 -5.17 16.19 25.06
N GLU D 147 -6.42 16.18 24.59
CA GLU D 147 -6.74 16.28 23.16
C GLU D 147 -6.45 17.67 22.63
N PHE D 148 -6.88 18.67 23.41
CA PHE D 148 -6.61 20.08 23.10
C PHE D 148 -5.16 20.39 22.82
N VAL D 149 -4.26 19.99 23.72
CA VAL D 149 -2.84 20.29 23.56
C VAL D 149 -2.27 19.60 22.31
N CYS D 150 -2.78 18.40 22.01
CA CYS D 150 -2.40 17.69 20.78
C CYS D 150 -2.83 18.46 19.55
N LEU D 151 -4.07 18.97 19.55
CA LEU D 151 -4.58 19.75 18.44
C LEU D 151 -3.79 21.06 18.21
N LYS D 152 -3.44 21.74 19.31
CA LYS D 152 -2.73 22.99 19.23
C LYS D 152 -1.34 22.79 18.62
N SER D 153 -0.70 21.67 18.98
CA SER D 153 0.57 21.23 18.39
C SER D 153 0.51 20.85 16.90
N ILE D 154 -0.59 20.20 16.50
CA ILE D 154 -0.84 19.88 15.12
C ILE D 154 -0.93 21.15 14.26
N ILE D 155 -1.66 22.16 14.76
CA ILE D 155 -1.77 23.47 14.12
C ILE D 155 -0.40 24.06 13.87
N LEU D 156 0.45 24.07 14.91
CA LEU D 156 1.81 24.62 14.82
C LEU D 156 2.62 23.97 13.70
N LEU D 157 2.59 22.62 13.65
CA LEU D 157 3.44 21.86 12.74
C LEU D 157 2.81 21.73 11.35
N ASN D 158 1.47 21.72 11.28
CA ASN D 158 0.77 21.51 10.02
C ASN D 158 0.58 22.77 9.19
N SER D 159 0.34 23.91 9.84
CA SER D 159 -0.22 25.05 9.15
C SER D 159 0.71 25.58 8.06
N GLY D 160 2.02 25.50 8.32
CA GLY D 160 3.03 26.04 7.43
C GLY D 160 3.82 25.02 6.63
N VAL D 161 3.55 23.73 6.85
CA VAL D 161 4.39 22.67 6.27
C VAL D 161 4.31 22.59 4.73
N TYR D 162 3.14 22.93 4.16
CA TYR D 162 2.85 22.80 2.71
C TYR D 162 3.33 24.02 1.92
N THR D 163 3.83 25.04 2.62
CA THR D 163 4.36 26.26 2.00
C THR D 163 5.85 26.52 2.26
N PHE D 164 6.62 25.44 2.50
CA PHE D 164 8.09 25.54 2.43
C PHE D 164 8.65 25.79 1.03
N LYS D 170 17.73 19.68 2.36
CA LYS D 170 17.45 20.06 3.74
C LYS D 170 15.95 20.25 3.96
N SER D 171 15.31 21.01 3.07
CA SER D 171 13.86 21.27 3.11
C SER D 171 13.03 19.98 3.03
N LEU D 172 13.42 19.03 2.18
CA LEU D 172 12.73 17.74 2.08
C LEU D 172 12.84 16.92 3.39
N GLU D 173 14.06 16.93 3.97
CA GLU D 173 14.35 16.34 5.27
C GLU D 173 13.54 16.98 6.41
N GLU D 174 13.44 18.31 6.40
CA GLU D 174 12.60 19.06 7.36
C GLU D 174 11.09 18.69 7.25
N LYS D 175 10.53 18.73 6.05
CA LYS D 175 9.14 18.34 5.80
C LYS D 175 8.90 16.88 6.22
N ASP D 176 9.84 15.98 5.92
CA ASP D 176 9.71 14.59 6.33
C ASP D 176 9.63 14.47 7.87
N HIS D 177 10.53 15.17 8.56
CA HIS D 177 10.56 15.21 10.04
C HIS D 177 9.23 15.70 10.65
N ILE D 178 8.71 16.81 10.12
CA ILE D 178 7.43 17.34 10.54
C ILE D 178 6.31 16.30 10.37
N HIS D 179 6.30 15.61 9.23
CA HIS D 179 5.26 14.61 8.97
C HIS D 179 5.36 13.42 9.92
N ARG D 180 6.59 13.01 10.23
CA ARG D 180 6.83 11.98 11.24
C ARG D 180 6.33 12.40 12.65
N VAL D 181 6.61 13.65 13.06
CA VAL D 181 6.14 14.13 14.37
C VAL D 181 4.62 14.24 14.37
N LEU D 182 4.03 14.68 13.25
CA LEU D 182 2.58 14.74 13.08
C LEU D 182 1.94 13.35 13.22
N ASP D 183 2.61 12.33 12.66
CA ASP D 183 2.20 10.93 12.83
C ASP D 183 2.27 10.49 14.29
N LYS D 184 3.30 10.94 14.99
CA LYS D 184 3.45 10.68 16.43
C LYS D 184 2.27 11.32 17.21
N ILE D 185 1.87 12.55 16.84
CA ILE D 185 0.72 13.19 17.50
C ILE D 185 -0.63 12.44 17.21
N THR D 186 -0.81 11.97 15.97
CA THR D 186 -1.93 11.09 15.65
C THR D 186 -1.98 9.83 16.54
N ASP D 187 -0.85 9.09 16.61
CA ASP D 187 -0.72 7.94 17.49
C ASP D 187 -1.12 8.29 18.93
N THR D 188 -0.68 9.47 19.39
CA THR D 188 -0.96 9.97 20.74
C THR D 188 -2.46 10.18 20.96
N LEU D 189 -3.11 10.86 20.01
CA LEU D 189 -4.58 11.03 20.05
C LEU D 189 -5.32 9.71 20.11
N ILE D 190 -4.94 8.75 19.26
CA ILE D 190 -5.56 7.45 19.23
C ILE D 190 -5.33 6.70 20.58
N HIS D 191 -4.09 6.76 21.10
CA HIS D 191 -3.80 6.16 22.40
C HIS D 191 -4.75 6.70 23.49
N LEU D 192 -4.84 8.03 23.59
CA LEU D 192 -5.72 8.70 24.57
C LEU D 192 -7.17 8.20 24.48
N MET D 193 -7.67 8.06 23.25
CA MET D 193 -9.03 7.58 22.98
C MET D 193 -9.21 6.14 23.39
N ALA D 194 -8.27 5.27 23.01
CA ALA D 194 -8.33 3.86 23.40
C ALA D 194 -8.27 3.74 24.93
N LYS D 195 -7.37 4.51 25.57
CA LYS D 195 -7.26 4.54 27.04
C LYS D 195 -8.59 4.90 27.68
N ALA D 196 -9.30 5.85 27.08
CA ALA D 196 -10.61 6.30 27.54
C ALA D 196 -11.74 5.32 27.26
N GLY D 197 -11.45 4.24 26.53
CA GLY D 197 -12.39 3.15 26.27
C GLY D 197 -13.19 3.25 24.99
N LEU D 198 -12.76 4.10 24.06
CA LEU D 198 -13.44 4.21 22.75
C LEU D 198 -13.16 2.94 21.95
N THR D 199 -14.17 2.44 21.24
CA THR D 199 -13.99 1.32 20.29
C THR D 199 -13.09 1.80 19.14
N LEU D 200 -12.59 0.85 18.34
CA LEU D 200 -11.76 1.20 17.20
C LEU D 200 -12.50 2.18 16.26
N GLN D 201 -13.77 1.88 16.00
CA GLN D 201 -14.59 2.71 15.10
C GLN D 201 -14.71 4.11 15.67
N GLN D 202 -14.99 4.23 16.96
CA GLN D 202 -15.15 5.52 17.62
C GLN D 202 -13.85 6.32 17.63
N GLN D 203 -12.73 5.63 17.79
CA GLN D 203 -11.42 6.25 17.74
C GLN D 203 -11.18 6.96 16.41
N HIS D 204 -11.47 6.27 15.29
CA HIS D 204 -11.20 6.85 13.99
C HIS D 204 -12.15 8.00 13.66
N GLN D 205 -13.42 7.85 14.08
CA GLN D 205 -14.43 8.87 13.87
C GLN D 205 -14.13 10.14 14.64
N ARG D 206 -13.69 10.00 15.89
CA ARG D 206 -13.36 11.16 16.72
C ARG D 206 -12.10 11.85 16.27
N LEU D 207 -11.09 11.07 15.87
CA LEU D 207 -9.91 11.64 15.24
C LEU D 207 -10.28 12.53 14.03
N ALA D 208 -11.12 12.00 13.14
CA ALA D 208 -11.63 12.78 12.01
C ALA D 208 -12.38 14.05 12.40
N GLN D 209 -13.24 13.95 13.42
CA GLN D 209 -14.04 15.08 13.88
C GLN D 209 -13.12 16.17 14.42
N LEU D 210 -12.06 15.80 15.14
CA LEU D 210 -11.13 16.77 15.69
C LEU D 210 -10.31 17.46 14.59
N LEU D 211 -9.81 16.67 13.63
CA LEU D 211 -9.02 17.23 12.56
C LEU D 211 -9.82 18.12 11.59
N LEU D 212 -11.09 17.79 11.35
CA LEU D 212 -11.98 18.61 10.54
C LEU D 212 -12.26 19.97 11.13
N ILE D 213 -12.29 20.07 12.47
CA ILE D 213 -12.46 21.38 13.13
C ILE D 213 -11.25 22.27 12.82
N LEU D 214 -10.06 21.69 12.64
CA LEU D 214 -8.85 22.47 12.29
C LEU D 214 -9.02 23.23 10.99
N SER D 215 -9.79 22.65 10.07
CA SER D 215 -10.10 23.33 8.84
C SER D 215 -10.95 24.59 9.07
N HIS D 216 -11.87 24.52 10.03
CA HIS D 216 -12.62 25.68 10.48
C HIS D 216 -11.78 26.75 11.19
N ILE D 217 -10.83 26.32 12.02
CA ILE D 217 -9.88 27.23 12.71
C ILE D 217 -9.04 27.98 11.67
N ARG D 218 -8.62 27.30 10.59
CA ARG D 218 -7.85 27.95 9.52
C ARG D 218 -8.68 29.04 8.92
N HIS D 219 -9.96 28.72 8.64
CA HIS D 219 -10.87 29.64 7.99
C HIS D 219 -11.05 30.87 8.87
N MET D 220 -11.33 30.66 10.15
CA MET D 220 -11.44 31.76 11.12
C MET D 220 -10.19 32.63 11.20
N SER D 221 -8.99 32.00 11.23
CA SER D 221 -7.72 32.74 11.15
C SER D 221 -7.62 33.62 9.92
N ASN D 222 -8.01 33.07 8.76
CA ASN D 222 -8.00 33.83 7.51
C ASN D 222 -8.98 35.00 7.54
N LYS D 223 -10.19 34.78 8.09
CA LYS D 223 -11.17 35.86 8.21
C LYS D 223 -10.69 36.91 9.22
N GLY D 224 -10.15 36.46 10.36
CA GLY D 224 -9.57 37.32 11.38
C GLY D 224 -8.49 38.23 10.82
N MET D 225 -7.53 37.63 10.11
CA MET D 225 -6.43 38.35 9.44
C MET D 225 -6.95 39.43 8.48
N GLU D 226 -7.96 39.07 7.66
CA GLU D 226 -8.52 40.00 6.69
C GLU D 226 -9.26 41.14 7.40
N HIS D 227 -9.79 40.86 8.59
CA HIS D 227 -10.42 41.85 9.45
C HIS D 227 -9.39 42.74 10.23
N LEU D 228 -8.26 42.15 10.64
CA LEU D 228 -7.14 42.91 11.21
C LEU D 228 -6.71 43.95 10.19
N TYR D 229 -6.48 43.52 8.95
CA TYR D 229 -6.12 44.41 7.86
C TYR D 229 -7.19 45.49 7.62
N SER D 230 -8.47 45.09 7.67
CA SER D 230 -9.61 45.98 7.36
C SER D 230 -9.77 47.12 8.36
N MET D 231 -9.32 46.89 9.60
CA MET D 231 -9.35 47.85 10.68
C MET D 231 -8.09 48.74 10.69
N LYS D 232 -7.17 48.50 9.75
CA LYS D 232 -5.86 49.14 9.66
C LYS D 232 -4.93 48.70 10.79
N YCM D 233 -4.97 47.40 11.13
CA YCM D 233 -4.12 46.83 12.18
CB YCM D 233 -4.98 46.12 13.22
SG YCM D 233 -6.20 47.17 14.04
CD YCM D 233 -5.18 48.25 15.08
CE YCM D 233 -4.87 47.59 16.41
OZ1 YCM D 233 -4.55 46.41 16.45
NZ2 YCM D 233 -4.97 48.35 17.48
C YCM D 233 -3.06 45.89 11.62
O YCM D 233 -2.65 44.93 12.29
N LYS D 234 -2.62 46.15 10.38
CA LYS D 234 -1.64 45.27 9.73
C LYS D 234 -0.27 45.38 10.43
N ASN D 235 -0.05 46.51 11.12
CA ASN D 235 1.09 46.73 12.02
C ASN D 235 1.20 45.72 13.17
N VAL D 236 0.09 45.04 13.51
CA VAL D 236 0.08 44.14 14.66
C VAL D 236 0.39 42.67 14.37
N VAL D 237 0.49 42.27 13.10
CA VAL D 237 0.81 40.87 12.84
C VAL D 237 2.33 40.70 12.95
N PRO D 238 2.85 39.70 13.69
CA PRO D 238 4.29 39.57 13.89
C PRO D 238 5.01 39.23 12.58
N SER D 239 6.03 40.01 12.23
CA SER D 239 6.80 39.79 11.02
C SER D 239 7.69 38.57 11.21
N TYR D 240 8.23 38.08 10.09
CA TYR D 240 9.25 37.06 10.02
C TYR D 240 10.44 37.41 10.96
N ASP D 241 10.92 38.66 10.85
CA ASP D 241 12.06 39.15 11.61
C ASP D 241 11.79 39.21 13.12
N LEU D 242 10.59 39.66 13.49
CA LEU D 242 10.18 39.72 14.89
C LEU D 242 10.23 38.31 15.48
N LEU D 243 9.65 37.35 14.76
CA LEU D 243 9.56 35.95 15.22
C LEU D 243 10.95 35.35 15.35
N LEU D 244 11.81 35.64 14.35
CA LEU D 244 13.19 35.15 14.34
C LEU D 244 13.97 35.69 15.56
N GLU D 245 13.85 36.99 15.81
CA GLU D 245 14.53 37.63 16.95
C GLU D 245 13.98 37.04 18.28
N MET D 246 12.66 36.82 18.37
CA MET D 246 12.05 36.22 19.56
C MET D 246 12.52 34.78 19.80
N LEU D 247 12.68 34.02 18.71
CA LEU D 247 13.19 32.64 18.77
C LEU D 247 14.65 32.53 19.25
N ASP D 248 15.52 33.43 18.79
CA ASP D 248 16.93 33.43 19.21
C ASP D 248 17.17 34.02 20.61
N ALA D 249 16.17 34.75 21.14
CA ALA D 249 16.29 35.43 22.42
C ALA D 249 16.33 34.41 23.54
C10 7OI E . 12.25 -25.61 11.79
C13 7OI E . 14.81 -18.27 9.53
C15 7OI E . 17.76 -19.89 10.80
C17 7OI E . 19.86 -18.85 10.67
C20 7OI E . 13.40 -24.04 10.41
C22 7OI E . 15.56 -25.25 10.82
C24 7OI E . 16.34 -27.44 10.42
C26 7OI E . 17.40 -26.14 12.01
C01 7OI E . 12.28 -24.71 10.79
N01 7OI E . 16.44 -20.25 8.99
C02 7OI E . 13.31 -22.68 9.73
S01 7OI E . 16.49 -21.55 7.90
C03 7OI E . 15.34 -22.87 10.18
C04 7OI E . 13.88 -22.79 8.31
C05 7OI E . 15.39 -22.87 8.64
C06 7OI E . 9.97 -25.10 10.49
C07 7OI E . 9.93 -26.00 11.49
C08 7OI E . 11.10 -26.25 12.14
C09 7OI E . 11.09 -24.47 10.15
O01 7OI E . 14.28 -21.98 10.46
C11 7OI E . 14.74 -24.21 10.57
C12 7OI E . 15.06 -19.73 9.39
O03 7OI E . 8.77 -26.64 11.80
O05 7OI E . 15.73 -21.49 6.67
C14 7OI E . 17.53 -19.79 9.48
C16 7OI E . 18.89 -19.44 11.39
C18 7OI E . 19.66 -18.75 9.34
C19 7OI E . 18.53 -19.22 8.77
C23 7OI E . 15.49 -26.43 10.16
C25 7OI E . 17.31 -27.31 11.34
C27 7OI E . 16.56 -25.14 11.74
O06 7OI E . 18.16 -28.33 11.61
F01 7OI E . 13.69 -17.87 9.01
F02 7OI E . 15.76 -17.53 9.03
F03 7OI E . 14.68 -17.99 10.80
O04 7OI E . 17.70 -22.38 8.00
C10 7OI F . 21.49 -19.70 -19.26
C13 7OI F . 25.18 -25.69 -16.89
C15 7OI F . 28.47 -23.81 -15.61
C17 7OI F . 29.84 -23.56 -17.51
C20 7OI F . 23.50 -19.75 -17.98
C22 7OI F . 25.35 -18.19 -17.34
C24 7OI F . 27.29 -16.81 -17.49
C26 7OI F . 25.30 -15.85 -16.91
C01 7OI F . 22.78 -19.32 -19.04
N01 7OI F . 26.21 -23.65 -15.61
C02 7OI F . 23.23 -21.07 -17.27
S01 7OI F . 25.62 -22.39 -14.63
C03 7OI F . 25.27 -20.75 -17.01
C04 7OI F . 23.32 -20.90 -15.74
C05 7OI F . 24.86 -20.92 -15.55
C06 7OI F . 22.60 -18.05 -21.05
C07 7OI F . 21.31 -18.43 -21.22
C08 7OI F . 20.78 -19.27 -20.32
C09 7OI F . 23.31 -18.48 -19.98
O01 7OI F . 24.44 -21.72 -17.59
O02 7OI F . 31.04 -23.52 -18.14
C11 7OI F . 24.70 -19.39 -17.44
C12 7OI F . 25.43 -24.95 -15.60
O03 7OI F . 20.59 -18.02 -22.28
O05 7OI F . 24.37 -22.56 -13.88
C14 7OI F . 27.31 -23.60 -16.27
C16 7OI F . 29.69 -23.80 -16.19
C18 7OI F . 28.70 -23.35 -18.18
C19 7OI F . 27.48 -23.37 -17.59
C23 7OI F . 26.68 -18.01 -17.59
C25 7OI F . 26.62 -15.69 -17.14
C27 7OI F . 24.70 -17.05 -17.00
O06 7OI F . 27.21 -14.46 -17.06
F01 7OI F . 24.63 -26.84 -16.68
F02 7OI F . 26.27 -25.94 -17.56
F03 7OI F . 24.36 -25.04 -17.67
O04 7OI F . 26.71 -21.57 -14.07
C10 7OI G . -9.64 26.61 -10.14
C13 7OI G . -4.49 33.72 -10.56
C20 7OI G . -9.45 28.97 -10.27
C22 7OI G . -10.93 30.92 -10.67
C24 7OI G . -12.22 32.54 -11.83
C26 7OI G . -13.24 31.21 -10.24
C01 7OI G . -9.95 27.79 -10.72
N01 7OI G . -6.61 33.36 -9.16
C02 7OI G . -8.25 29.04 -9.32
S01 7OI G . -7.23 32.41 -7.88
C03 7OI G . -8.45 30.97 -10.07
C04 7OI G . -8.66 29.82 -8.05
C05 7OI G . -8.57 31.29 -8.57
C06 7OI G . -11.28 26.56 -12.24
C07 7OI G . -10.97 25.39 -11.64
C08 7OI G . -10.13 25.44 -10.58
C09 7OI G . -10.79 27.74 -11.80
O01 7OI G . -7.47 29.97 -10.04
C11 7OI G . -9.77 30.27 -10.42
C12 7OI G . -5.47 32.77 -9.97
O03 7OI G . -11.44 24.18 -12.05
O05 7OI G . -8.13 33.02 -6.92
C14 7OI G . -7.07 34.52 -9.43
C23 7OI G . -11.05 31.91 -11.60
C25 7OI G . -13.34 32.20 -11.15
C27 7OI G . -12.06 30.59 -10.02
O06 7OI G . -14.53 32.80 -11.37
F01 7OI G . -4.89 34.25 -11.69
F02 7OI G . -3.35 33.12 -10.85
F03 7OI G . -4.20 34.69 -9.75
O04 7OI G . -6.36 31.30 -7.49
C10 7OI H . -6.65 37.64 20.35
C13 7OI H . -13.98 38.77 17.26
C15 7OI H . -11.96 41.08 18.36
C17 7OI H . -12.25 43.36 18.81
C20 7OI H . -7.67 37.57 18.18
C22 7OI H . -6.66 39.80 17.92
C24 7OI H . -5.76 41.95 18.30
C26 7OI H . -4.34 40.25 17.78
C01 7OI H . -7.28 36.98 19.36
N01 7OI H . -12.08 40.26 16.28
C02 7OI H . -8.82 37.07 17.30
S01 7OI H . -10.82 39.77 15.31
C03 7OI H . -9.20 39.08 17.66
C04 7OI H . -8.84 37.64 15.88
C05 7OI H . -9.26 39.10 16.15
C06 7OI H . -7.14 35.09 20.79
C07 7OI H . -6.50 35.76 21.74
C08 7OI H . -6.26 37.05 21.50
C09 7OI H . -7.53 35.68 19.64
O01 7OI H . -9.83 37.85 17.84
O02 7OI H . -12.32 44.41 19.66
C11 7OI H . -7.66 38.87 17.86
C12 7OI H . -13.39 39.57 16.14
O03 7OI H . -6.13 35.17 22.86
O05 7OI H . -10.97 38.57 14.63
C14 7OI H . -12.11 41.24 17.04
C16 7OI H . -12.02 42.12 19.22
C18 7OI H . -12.41 43.52 17.49
C19 7OI H . -12.34 42.49 16.63
C23 7OI H . -6.79 41.11 18.24
C25 7OI H . -4.51 41.54 18.10
C27 7OI H . -5.39 39.41 17.71
O06 7OI H . -3.45 42.37 18.17
F01 7OI H . -13.22 37.86 17.68
F02 7OI H . -14.27 39.38 18.32
F03 7OI H . -15.04 38.21 16.88
O04 7OI H . -10.10 40.86 14.81
#